data_4P06
#
_entry.id   4P06
#
_cell.length_a   181.533
_cell.length_b   181.533
_cell.length_c   100.380
_cell.angle_alpha   90.00
_cell.angle_beta   90.00
_cell.angle_gamma   120.00
#
_symmetry.space_group_name_H-M   'P 32 1 2'
#
loop_
_entity.id
_entity.type
_entity.pdbx_description
1 polymer 'Arylsulfate sulfotransferase AssT'
2 non-polymer 'SULFATE ION'
3 non-polymer '(4-methyl-2-oxidanylidene-chromen-7-yl) hydrogen sulfate'
4 water water
#
_entity_poly.entity_id   1
_entity_poly.type   'polypeptide(L)'
_entity_poly.pdbx_seq_one_letter_code
;AGFKPAPPAGQLGAVIVDPYGNAPLTALVDLDSHVISDVKVTVHGKGEKGVEISYPVGQESLKTYDGVPIFGLYQKFANK
VTVEWKENGKVMKDDYVVHTSAIVNNYMDNRSISDLQQTKVIKVAPGFEDRLYLVNTHTFTAQGSDLHWHGEKDKNAGIL
DAGPATGALPFDIAPFTFIVDTEGEYRWWLDQDTFYDGRDRDINKRGYLMGIRETPRGTFTAVQGQHWYEFDMMGQVLED
HKLPRGFADATHESIETPNGTVLLRVGKSNYRRDDGVHVTTIRDHILEVDKSGRVVDVWDLTKILDPKRDALLGALDAGA
VCVNVDLAHAGQQAKLEPDTPFGDALGVGPGRNWAHVNSIAYDAKDDSIILSSRHQGVVKIGRDKQVKWILAPSKGWEKP
LASKLLKPVDANGKPITCNENGLCENSDFDFTYTQNTAWISSKGTLTIFDNGDGRHLEQPALPTMKYSRFVEYKIDEKKG
TVQQVWEYGKERGYDFYSPITSIIEYQADRNTMFGFGGSIHLFDVGQPTVGKLNEIDYKTKEVKVEIDVLSDKPNQTHYR
ALLVRPQQMFK
;
_entity_poly.pdbx_strand_id   A,B
#
loop_
_chem_comp.id
_chem_comp.type
_chem_comp.name
_chem_comp.formula
MUX non-polymer '(4-methyl-2-oxidanylidene-chromen-7-yl) hydrogen sulfate' 'C10 H8 O6 S'
SO4 non-polymer 'SULFATE ION' 'O4 S -2'
#
# COMPACT_ATOMS: atom_id res chain seq x y z
CA ALA A 1 -30.18 -16.33 -19.61
C ALA A 1 -28.74 -16.09 -20.03
N GLY A 2 -27.83 -16.10 -19.06
CA GLY A 2 -26.42 -15.88 -19.31
C GLY A 2 -25.54 -17.04 -18.86
N PHE A 3 -24.23 -16.87 -18.94
CA PHE A 3 -23.27 -17.92 -18.56
C PHE A 3 -23.16 -18.03 -17.05
N LYS A 4 -23.36 -19.23 -16.54
CA LYS A 4 -23.26 -19.44 -15.12
C LYS A 4 -21.81 -19.55 -14.67
N PRO A 5 -21.55 -19.21 -13.42
CA PRO A 5 -20.23 -19.47 -12.88
C PRO A 5 -20.00 -20.97 -12.71
N ALA A 6 -18.75 -21.34 -12.46
CA ALA A 6 -18.44 -22.70 -12.08
C ALA A 6 -19.31 -23.09 -10.91
N PRO A 7 -19.84 -24.32 -10.92
CA PRO A 7 -20.59 -24.87 -9.79
C PRO A 7 -19.64 -25.42 -8.78
N PRO A 8 -20.11 -25.60 -7.54
CA PRO A 8 -19.25 -26.09 -6.45
C PRO A 8 -18.55 -27.37 -6.84
N ALA A 9 -17.31 -27.55 -6.41
CA ALA A 9 -16.57 -28.74 -6.75
C ALA A 9 -16.91 -29.87 -5.77
N GLY A 10 -16.99 -29.54 -4.49
CA GLY A 10 -17.28 -30.53 -3.48
C GLY A 10 -18.26 -30.04 -2.43
N GLN A 11 -17.80 -29.97 -1.19
CA GLN A 11 -18.64 -29.59 -0.07
C GLN A 11 -18.52 -28.11 0.23
N LEU A 12 -17.68 -27.42 -0.53
CA LEU A 12 -17.61 -25.96 -0.53
C LEU A 12 -17.98 -25.43 -1.90
N GLY A 13 -17.18 -24.49 -2.41
CA GLY A 13 -17.49 -23.87 -3.68
C GLY A 13 -16.77 -24.48 -4.87
N ALA A 14 -16.70 -23.71 -5.95
CA ALA A 14 -15.97 -24.08 -7.13
C ALA A 14 -14.49 -24.03 -6.81
N VAL A 15 -13.69 -24.73 -7.60
CA VAL A 15 -12.24 -24.72 -7.43
C VAL A 15 -11.60 -23.99 -8.62
N ILE A 16 -11.18 -22.76 -8.37
CA ILE A 16 -10.72 -21.87 -9.41
C ILE A 16 -9.23 -21.91 -9.59
N VAL A 17 -8.80 -22.09 -10.83
CA VAL A 17 -7.37 -22.15 -11.10
C VAL A 17 -6.84 -20.76 -11.42
N ASP A 18 -5.79 -20.36 -10.70
CA ASP A 18 -5.13 -19.09 -10.93
C ASP A 18 -6.12 -17.94 -10.86
N PRO A 19 -6.67 -17.74 -9.66
CA PRO A 19 -7.67 -16.70 -9.41
C PRO A 19 -7.17 -15.31 -9.79
N TYR A 20 -6.02 -14.90 -9.29
CA TYR A 20 -5.50 -13.57 -9.60
C TYR A 20 -4.83 -13.47 -10.95
N GLY A 21 -4.57 -14.60 -11.59
CA GLY A 21 -4.09 -14.58 -12.97
C GLY A 21 -2.60 -14.45 -13.17
N ASN A 22 -1.83 -14.57 -12.08
CA ASN A 22 -0.39 -14.36 -12.10
C ASN A 22 0.39 -15.58 -11.65
N ALA A 23 -0.32 -16.57 -11.15
CA ALA A 23 0.28 -17.78 -10.62
C ALA A 23 -0.52 -18.98 -11.07
N PRO A 24 -0.17 -19.51 -12.25
CA PRO A 24 -0.90 -20.56 -12.96
C PRO A 24 -0.85 -21.95 -12.32
N LEU A 25 0.01 -22.15 -11.32
CA LEU A 25 0.12 -23.43 -10.63
C LEU A 25 -0.39 -23.28 -9.21
N THR A 26 -1.37 -22.41 -9.09
CA THR A 26 -2.15 -22.23 -7.87
C THR A 26 -3.63 -22.37 -8.20
N ALA A 27 -4.44 -22.51 -7.16
CA ALA A 27 -5.87 -22.62 -7.34
C ALA A 27 -6.55 -22.24 -6.05
N LEU A 28 -7.86 -22.10 -6.08
CA LEU A 28 -8.55 -21.63 -4.90
C LEU A 28 -9.88 -22.34 -4.80
N VAL A 29 -10.18 -22.82 -3.60
CA VAL A 29 -11.51 -23.35 -3.33
C VAL A 29 -12.40 -22.21 -2.83
N ASP A 30 -13.45 -21.90 -3.58
CA ASP A 30 -14.33 -20.79 -3.21
C ASP A 30 -15.14 -21.14 -1.98
N LEU A 31 -15.13 -20.24 -1.00
CA LEU A 31 -15.82 -20.44 0.28
C LEU A 31 -17.31 -20.68 0.10
N ASP A 32 -17.94 -19.93 -0.81
CA ASP A 32 -19.37 -20.01 -1.05
C ASP A 32 -20.15 -19.83 0.26
N SER A 33 -19.70 -18.88 1.08
CA SER A 33 -20.38 -18.48 2.29
C SER A 33 -20.31 -19.52 3.40
N HIS A 34 -19.44 -20.53 3.25
CA HIS A 34 -19.29 -21.54 4.30
C HIS A 34 -18.38 -21.03 5.42
N VAL A 35 -18.79 -21.29 6.65
CA VAL A 35 -18.02 -20.86 7.80
C VAL A 35 -17.17 -22.01 8.30
N ILE A 36 -15.91 -22.01 7.89
CA ILE A 36 -15.01 -23.10 8.21
C ILE A 36 -13.84 -22.63 9.09
N SER A 37 -13.03 -23.59 9.53
CA SER A 37 -11.88 -23.30 10.36
C SER A 37 -10.98 -24.53 10.41
N ASP A 38 -9.81 -24.39 11.01
CA ASP A 38 -8.92 -25.54 11.16
C ASP A 38 -8.51 -26.09 9.81
N VAL A 39 -8.41 -25.22 8.83
CA VAL A 39 -8.19 -25.69 7.48
C VAL A 39 -6.76 -26.18 7.23
N LYS A 40 -6.66 -27.19 6.39
CA LYS A 40 -5.40 -27.79 5.99
C LYS A 40 -5.45 -28.28 4.56
N VAL A 41 -4.43 -27.92 3.79
CA VAL A 41 -4.33 -28.40 2.41
C VAL A 41 -3.15 -29.33 2.20
N THR A 42 -3.38 -30.35 1.38
CA THR A 42 -2.35 -31.30 1.00
C THR A 42 -2.34 -31.52 -0.51
N VAL A 43 -1.28 -31.09 -1.17
CA VAL A 43 -1.10 -31.40 -2.59
C VAL A 43 -0.22 -32.64 -2.71
N HIS A 44 -0.73 -33.65 -3.39
CA HIS A 44 -0.07 -34.94 -3.43
C HIS A 44 0.98 -34.96 -4.52
N GLY A 45 2.09 -35.65 -4.21
CA GLY A 45 3.20 -35.78 -5.11
C GLY A 45 2.92 -36.58 -6.36
N LYS A 46 3.55 -36.17 -7.45
CA LYS A 46 3.42 -36.83 -8.74
C LYS A 46 4.45 -37.94 -8.84
N GLY A 47 4.00 -39.10 -9.26
CA GLY A 47 4.88 -40.23 -9.41
C GLY A 47 5.24 -40.91 -8.10
N GLU A 48 6.14 -41.87 -8.21
CA GLU A 48 6.58 -42.71 -7.11
C GLU A 48 7.35 -41.88 -6.10
N LYS A 49 8.21 -41.00 -6.60
CA LYS A 49 9.04 -40.20 -5.71
C LYS A 49 8.63 -38.72 -5.65
N GLY A 50 7.53 -38.36 -6.29
CA GLY A 50 6.99 -37.02 -6.21
C GLY A 50 6.89 -36.49 -4.79
N VAL A 51 6.94 -35.17 -4.65
CA VAL A 51 6.93 -34.55 -3.32
C VAL A 51 5.55 -34.03 -2.95
N GLU A 52 5.13 -34.36 -1.74
CA GLU A 52 3.88 -33.85 -1.23
C GLU A 52 4.11 -32.49 -0.61
N ILE A 53 3.11 -31.61 -0.72
CA ILE A 53 3.18 -30.30 -0.08
C ILE A 53 1.95 -30.12 0.79
N SER A 54 2.18 -29.75 2.04
CA SER A 54 1.12 -29.72 3.03
C SER A 54 1.29 -28.49 3.90
N TYR A 55 0.18 -27.89 4.29
CA TYR A 55 0.23 -26.65 5.05
C TYR A 55 -1.15 -26.31 5.62
N PRO A 56 -1.16 -25.57 6.75
CA PRO A 56 -2.39 -25.00 7.30
C PRO A 56 -2.69 -23.66 6.66
N VAL A 57 -3.95 -23.24 6.76
CA VAL A 57 -4.42 -21.98 6.21
C VAL A 57 -5.18 -21.22 7.29
N GLY A 58 -4.63 -20.11 7.77
CA GLY A 58 -5.26 -19.31 8.82
C GLY A 58 -6.45 -18.45 8.40
N GLN A 59 -7.14 -17.88 9.37
CA GLN A 59 -8.38 -17.14 9.07
C GLN A 59 -8.20 -15.86 8.24
N GLU A 60 -7.10 -15.14 8.43
CA GLU A 60 -6.84 -13.94 7.63
C GLU A 60 -6.89 -14.25 6.15
N SER A 61 -6.45 -15.46 5.81
CA SER A 61 -6.27 -15.83 4.41
C SER A 61 -7.59 -16.28 3.83
N LEU A 62 -8.36 -16.99 4.62
CA LEU A 62 -9.68 -17.40 4.20
C LEU A 62 -10.50 -16.18 3.90
N LYS A 63 -10.31 -15.16 4.73
CA LYS A 63 -11.03 -13.91 4.59
C LYS A 63 -10.56 -13.11 3.37
N THR A 64 -9.26 -13.08 3.18
CA THR A 64 -8.68 -12.33 2.10
C THR A 64 -9.06 -12.90 0.76
N TYR A 65 -8.91 -14.21 0.63
CA TYR A 65 -9.16 -14.90 -0.61
C TYR A 65 -10.65 -15.23 -0.77
N ASP A 66 -11.35 -15.26 0.35
CA ASP A 66 -12.70 -15.77 0.35
C ASP A 66 -12.70 -17.24 -0.15
N GLY A 67 -11.73 -18.00 0.31
CA GLY A 67 -11.64 -19.39 -0.11
C GLY A 67 -10.39 -20.04 0.39
N VAL A 68 -10.15 -21.28 -0.05
CA VAL A 68 -8.95 -21.99 0.38
C VAL A 68 -7.92 -21.93 -0.69
N PRO A 69 -6.73 -21.47 -0.30
CA PRO A 69 -5.57 -21.37 -1.18
C PRO A 69 -4.91 -22.73 -1.46
N ILE A 70 -4.81 -23.07 -2.73
CA ILE A 70 -4.10 -24.28 -3.14
C ILE A 70 -2.77 -23.89 -3.82
N PHE A 71 -1.68 -24.02 -3.06
CA PHE A 71 -0.32 -23.82 -3.57
C PHE A 71 0.44 -25.15 -3.74
N GLY A 72 1.19 -25.30 -4.82
CA GLY A 72 2.05 -26.47 -4.94
C GLY A 72 1.78 -27.38 -6.11
N LEU A 73 0.92 -26.93 -7.01
CA LEU A 73 0.51 -27.75 -8.13
C LEU A 73 1.65 -28.02 -9.10
N TYR A 74 1.59 -29.15 -9.79
CA TYR A 74 2.48 -29.42 -10.92
C TYR A 74 1.82 -28.84 -12.17
N GLN A 75 2.59 -28.62 -13.21
CA GLN A 75 2.05 -28.02 -14.42
C GLN A 75 1.43 -29.03 -15.38
N LYS A 76 0.42 -28.60 -16.13
CA LYS A 76 -0.29 -29.41 -17.10
C LYS A 76 -0.52 -30.83 -16.62
N PHE A 77 -1.20 -30.94 -15.50
CA PHE A 77 -1.26 -32.18 -14.76
C PHE A 77 -2.59 -32.26 -14.01
N ALA A 78 -3.13 -33.47 -13.88
CA ALA A 78 -4.32 -33.70 -13.09
C ALA A 78 -3.94 -33.82 -11.64
N ASN A 79 -3.71 -32.68 -10.98
CA ASN A 79 -3.28 -32.68 -9.59
C ASN A 79 -4.33 -33.25 -8.67
N LYS A 80 -3.88 -33.97 -7.66
CA LYS A 80 -4.76 -34.52 -6.65
C LYS A 80 -4.54 -33.74 -5.40
N VAL A 81 -5.59 -33.16 -4.87
CA VAL A 81 -5.48 -32.29 -3.72
C VAL A 81 -6.49 -32.66 -2.65
N THR A 82 -6.09 -32.52 -1.40
CA THR A 82 -6.98 -32.80 -0.31
C THR A 82 -7.12 -31.62 0.66
N VAL A 83 -8.36 -31.19 0.88
CA VAL A 83 -8.66 -30.12 1.82
C VAL A 83 -9.46 -30.66 3.01
N GLU A 84 -8.92 -30.44 4.20
CA GLU A 84 -9.64 -30.77 5.42
C GLU A 84 -9.97 -29.48 6.19
N TRP A 85 -11.16 -29.42 6.74
CA TRP A 85 -11.54 -28.30 7.59
C TRP A 85 -12.45 -28.76 8.71
N LYS A 86 -13.03 -27.78 9.39
CA LYS A 86 -14.04 -28.03 10.41
C LYS A 86 -15.20 -27.07 10.18
N GLU A 87 -16.39 -27.62 10.03
CA GLU A 87 -17.58 -26.83 9.79
C GLU A 87 -18.72 -27.30 10.69
N ASN A 88 -19.16 -26.43 11.58
CA ASN A 88 -20.21 -26.73 12.55
C ASN A 88 -19.72 -27.74 13.59
N GLY A 89 -18.41 -27.76 13.80
CA GLY A 89 -17.81 -28.67 14.77
C GLY A 89 -17.72 -30.09 14.24
N LYS A 90 -18.00 -30.26 12.96
CA LYS A 90 -17.85 -31.54 12.29
C LYS A 90 -16.61 -31.56 11.39
N VAL A 91 -15.82 -32.63 11.47
CA VAL A 91 -14.64 -32.72 10.64
C VAL A 91 -15.04 -33.01 9.20
N MET A 92 -14.43 -32.28 8.27
CA MET A 92 -14.85 -32.33 6.88
C MET A 92 -13.68 -32.61 5.97
N LYS A 93 -13.96 -33.17 4.81
CA LYS A 93 -12.88 -33.46 3.88
C LYS A 93 -13.39 -33.56 2.46
N ASP A 94 -12.60 -33.01 1.55
CA ASP A 94 -12.82 -33.12 0.13
C ASP A 94 -11.53 -33.48 -0.59
N ASP A 95 -11.64 -34.28 -1.64
CA ASP A 95 -10.53 -34.60 -2.53
C ASP A 95 -10.85 -34.02 -3.88
N TYR A 96 -9.92 -33.24 -4.42
CA TYR A 96 -10.12 -32.61 -5.71
C TYR A 96 -9.14 -33.07 -6.74
N VAL A 97 -9.58 -33.09 -7.97
CA VAL A 97 -8.67 -33.31 -9.07
C VAL A 97 -8.57 -31.97 -9.80
N VAL A 98 -7.38 -31.40 -9.82
CA VAL A 98 -7.19 -30.06 -10.32
C VAL A 98 -6.21 -30.04 -11.50
N HIS A 99 -6.75 -30.06 -12.71
CA HIS A 99 -5.94 -29.85 -13.91
C HIS A 99 -5.34 -28.44 -13.98
N THR A 100 -4.09 -28.35 -14.40
CA THR A 100 -3.40 -27.07 -14.61
C THR A 100 -2.97 -26.97 -16.06
N SER A 101 -2.60 -25.78 -16.54
CA SER A 101 -2.06 -25.66 -17.88
C SER A 101 -0.53 -25.49 -17.86
N ALA A 102 0.04 -25.03 -18.96
CA ALA A 102 1.49 -25.03 -19.15
C ALA A 102 2.23 -23.79 -18.65
N ILE A 103 3.46 -23.94 -18.19
CA ILE A 103 4.34 -22.80 -17.95
C ILE A 103 4.85 -22.20 -19.27
N VAL A 104 4.72 -20.89 -19.47
CA VAL A 104 5.21 -20.24 -20.70
C VAL A 104 6.38 -19.25 -20.48
N ASN A 105 7.42 -19.41 -21.29
CA ASN A 105 8.48 -18.41 -21.37
C ASN A 105 8.19 -17.54 -22.55
N ASN A 106 7.98 -16.27 -22.28
CA ASN A 106 7.53 -15.33 -23.27
C ASN A 106 8.71 -14.65 -23.93
N TYR A 107 9.91 -14.93 -23.45
CA TYR A 107 11.11 -14.28 -23.96
C TYR A 107 12.16 -15.26 -24.48
N MET A 108 11.98 -15.63 -25.75
CA MET A 108 12.82 -16.61 -26.43
C MET A 108 13.35 -16.13 -27.78
N ASP A 109 14.63 -16.43 -28.05
CA ASP A 109 15.23 -16.15 -29.35
C ASP A 109 16.26 -17.22 -29.70
N ASN A 110 17.06 -16.96 -30.71
CA ASN A 110 18.01 -17.97 -31.15
C ASN A 110 19.06 -18.36 -30.10
N ARG A 111 19.13 -17.64 -28.99
CA ARG A 111 20.07 -18.01 -27.93
C ARG A 111 19.44 -19.07 -27.04
N SER A 112 18.13 -19.26 -27.21
CA SER A 112 17.37 -20.13 -26.34
C SER A 112 17.82 -21.57 -26.60
N ILE A 113 18.19 -22.23 -25.51
CA ILE A 113 18.46 -23.67 -25.48
C ILE A 113 17.14 -24.46 -25.56
N SER A 114 16.25 -24.16 -24.62
CA SER A 114 14.83 -24.51 -24.72
C SER A 114 14.05 -23.46 -23.94
N ASP A 115 12.74 -23.66 -23.78
CA ASP A 115 11.87 -22.59 -23.24
C ASP A 115 11.98 -22.43 -21.72
N LEU A 116 12.29 -23.51 -21.01
CA LEU A 116 12.35 -23.48 -19.56
C LEU A 116 13.77 -23.78 -19.12
N GLN A 117 14.11 -23.43 -17.89
CA GLN A 117 15.45 -23.68 -17.36
C GLN A 117 15.55 -25.06 -16.74
N GLN A 118 16.66 -25.75 -16.98
CA GLN A 118 16.81 -27.15 -16.60
C GLN A 118 17.26 -27.36 -15.17
N THR A 119 16.68 -28.34 -14.51
CA THR A 119 17.07 -28.65 -13.15
C THR A 119 17.83 -29.97 -13.10
N LYS A 120 18.82 -30.04 -12.22
CA LYS A 120 19.60 -31.25 -12.04
C LYS A 120 19.79 -31.49 -10.56
N VAL A 121 19.10 -32.50 -10.06
CA VAL A 121 19.21 -32.84 -8.65
C VAL A 121 20.51 -33.60 -8.49
N ILE A 122 21.22 -33.31 -7.41
CA ILE A 122 22.56 -33.83 -7.25
C ILE A 122 22.69 -34.58 -5.93
N LYS A 123 22.07 -34.06 -4.90
CA LYS A 123 22.19 -34.65 -3.57
C LYS A 123 21.00 -34.23 -2.72
N VAL A 124 20.33 -35.21 -2.11
CA VAL A 124 19.19 -34.92 -1.26
C VAL A 124 19.18 -35.88 -0.08
N ALA A 125 19.68 -35.42 1.06
CA ALA A 125 19.79 -36.24 2.24
C ALA A 125 18.43 -36.71 2.72
N PRO A 126 18.41 -37.66 3.63
CA PRO A 126 17.18 -38.05 4.32
C PRO A 126 16.77 -36.94 5.27
N GLY A 127 15.48 -36.62 5.26
CA GLY A 127 15.00 -35.57 6.13
C GLY A 127 15.06 -34.22 5.44
N PHE A 128 15.34 -34.24 4.15
CA PHE A 128 15.36 -33.00 3.41
C PHE A 128 14.52 -33.12 2.14
N GLU A 129 13.67 -34.12 2.10
CA GLU A 129 12.83 -34.37 0.94
C GLU A 129 11.77 -33.30 0.75
N ASP A 130 11.36 -32.67 1.86
CA ASP A 130 10.24 -31.73 1.83
C ASP A 130 10.61 -30.33 1.33
N ARG A 131 11.90 -30.04 1.20
CA ARG A 131 12.37 -28.66 0.97
C ARG A 131 11.91 -28.02 -0.33
N LEU A 132 11.58 -26.73 -0.23
CA LEU A 132 11.18 -25.94 -1.38
C LEU A 132 12.00 -24.66 -1.52
N TYR A 133 12.46 -24.40 -2.74
CA TYR A 133 13.28 -23.24 -3.01
C TYR A 133 12.68 -22.41 -4.11
N LEU A 134 12.55 -21.11 -3.83
CA LEU A 134 12.09 -20.14 -4.80
C LEU A 134 13.28 -19.54 -5.52
N VAL A 135 13.29 -19.65 -6.83
CA VAL A 135 14.42 -19.20 -7.63
C VAL A 135 14.18 -17.87 -8.36
N ASN A 136 14.87 -16.84 -7.87
CA ASN A 136 14.92 -15.51 -8.45
C ASN A 136 15.92 -15.45 -9.61
N THR A 137 15.47 -15.76 -10.82
CA THR A 137 16.38 -15.68 -11.96
C THR A 137 15.67 -15.02 -13.13
N HIS A 138 16.35 -14.92 -14.26
CA HIS A 138 15.89 -14.09 -15.36
C HIS A 138 16.30 -14.69 -16.69
N THR A 139 15.82 -14.10 -17.78
CA THR A 139 16.07 -14.62 -19.12
C THR A 139 16.15 -13.44 -20.10
N PHE A 140 17.17 -13.43 -20.94
CA PHE A 140 17.44 -12.28 -21.83
C PHE A 140 16.27 -11.97 -22.75
N THR A 141 16.11 -10.68 -22.99
CA THR A 141 15.13 -10.20 -23.95
C THR A 141 15.78 -10.12 -25.32
N ALA A 142 14.94 -10.14 -26.34
CA ALA A 142 15.47 -10.19 -27.68
C ALA A 142 16.18 -8.89 -28.01
N GLN A 143 15.73 -7.80 -27.40
CA GLN A 143 16.19 -6.45 -27.74
C GLN A 143 17.30 -5.95 -26.82
N GLY A 144 17.49 -6.59 -25.68
CA GLY A 144 18.51 -6.15 -24.76
C GLY A 144 18.22 -4.75 -24.28
N SER A 145 19.17 -4.13 -23.55
CA SER A 145 19.01 -2.74 -23.10
C SER A 145 18.65 -1.81 -24.24
N ASP A 146 17.49 -1.17 -24.17
CA ASP A 146 17.02 -0.33 -25.28
C ASP A 146 16.69 1.11 -24.88
N LEU A 147 16.78 1.41 -23.59
CA LEU A 147 16.40 2.73 -23.08
C LEU A 147 17.38 3.25 -22.06
N HIS A 148 17.54 4.57 -22.05
CA HIS A 148 18.50 5.25 -21.17
C HIS A 148 17.83 6.40 -20.44
N TRP A 149 18.27 6.68 -19.22
CA TRP A 149 18.00 7.99 -18.67
C TRP A 149 18.77 9.05 -19.49
N HIS A 150 18.20 10.25 -19.66
CA HIS A 150 18.91 11.39 -20.24
C HIS A 150 19.55 12.19 -19.11
N GLY A 151 20.85 12.49 -19.23
CA GLY A 151 21.56 13.22 -18.19
C GLY A 151 21.80 14.69 -18.53
N GLU A 152 22.83 15.26 -17.90
CA GLU A 152 23.26 16.63 -18.19
C GLU A 152 24.64 16.71 -18.86
N LYS A 153 24.68 17.24 -20.07
CA LYS A 153 25.92 17.52 -20.80
C LYS A 153 27.02 18.17 -19.93
N ASP A 154 28.26 17.65 -19.99
CA ASP A 154 29.34 18.20 -19.15
C ASP A 154 30.15 19.24 -19.91
N LYS A 155 30.89 20.09 -19.21
CA LYS A 155 31.61 21.17 -19.88
C LYS A 155 32.69 20.62 -20.81
N ASN A 156 33.03 19.35 -20.60
CA ASN A 156 33.92 18.63 -21.50
C ASN A 156 33.23 18.22 -22.80
N ALA A 157 31.94 18.54 -22.91
CA ALA A 157 31.12 18.02 -23.99
C ALA A 157 31.30 18.81 -25.25
N GLY A 158 31.33 18.11 -26.38
CA GLY A 158 31.36 18.74 -27.68
C GLY A 158 30.20 19.69 -27.78
N ILE A 159 30.35 20.70 -28.62
CA ILE A 159 29.33 21.73 -28.71
C ILE A 159 28.11 21.23 -29.47
N LEU A 160 28.33 20.56 -30.60
CA LEU A 160 27.20 20.10 -31.40
C LEU A 160 26.53 18.85 -30.82
N ASP A 161 27.09 18.31 -29.74
CA ASP A 161 26.69 17.01 -29.20
C ASP A 161 25.28 16.98 -28.63
N ALA A 162 24.66 15.81 -28.69
CA ALA A 162 23.44 15.58 -27.95
C ALA A 162 23.83 15.28 -26.51
N GLY A 163 22.91 15.54 -25.59
CA GLY A 163 23.14 15.28 -24.18
C GLY A 163 23.49 13.84 -23.93
N PRO A 164 24.01 13.54 -22.74
CA PRO A 164 24.44 12.20 -22.40
C PRO A 164 23.35 11.29 -21.87
N ALA A 165 23.78 10.22 -21.22
CA ALA A 165 22.91 9.33 -20.50
C ALA A 165 23.34 9.37 -19.05
N THR A 166 22.55 8.78 -18.15
CA THR A 166 22.90 8.75 -16.73
C THR A 166 22.17 7.59 -16.04
N GLY A 167 22.48 7.35 -14.76
CA GLY A 167 21.86 6.26 -14.05
C GLY A 167 22.01 4.88 -14.69
N ALA A 168 20.96 4.07 -14.60
CA ALA A 168 21.05 2.69 -15.00
C ALA A 168 19.72 2.13 -15.51
N LEU A 169 19.06 2.84 -16.40
CA LEU A 169 17.80 2.33 -16.90
C LEU A 169 17.99 1.05 -17.73
N PRO A 170 19.18 0.86 -18.32
CA PRO A 170 19.47 -0.40 -19.04
C PRO A 170 19.57 -1.65 -18.17
N PHE A 171 19.62 -1.48 -16.86
CA PHE A 171 19.61 -2.61 -15.94
C PHE A 171 18.23 -3.29 -15.97
N ASP A 172 17.95 -3.99 -17.06
CA ASP A 172 16.60 -4.38 -17.44
C ASP A 172 16.53 -5.77 -18.13
N ILE A 173 15.75 -6.69 -17.56
CA ILE A 173 15.70 -8.06 -18.06
C ILE A 173 14.43 -8.81 -17.63
N ALA A 174 13.99 -9.77 -18.44
CA ALA A 174 12.79 -10.55 -18.15
C ALA A 174 12.96 -11.43 -16.93
N PRO A 175 11.93 -11.54 -16.09
CA PRO A 175 12.11 -12.39 -14.92
C PRO A 175 11.90 -13.88 -15.25
N PHE A 176 12.44 -14.75 -14.42
CA PHE A 176 12.16 -16.18 -14.52
C PHE A 176 11.97 -16.67 -13.10
N THR A 177 10.73 -16.69 -12.62
CA THR A 177 10.48 -16.92 -11.20
C THR A 177 9.74 -18.22 -10.93
N PHE A 178 10.33 -19.08 -10.10
CA PHE A 178 9.73 -20.38 -9.81
C PHE A 178 10.22 -21.02 -8.51
N ILE A 179 9.42 -21.97 -8.04
CA ILE A 179 9.79 -22.82 -6.91
C ILE A 179 10.06 -24.25 -7.39
N VAL A 180 11.12 -24.84 -6.89
CA VAL A 180 11.51 -26.20 -7.26
C VAL A 180 11.55 -27.08 -6.02
N ASP A 181 11.14 -28.34 -6.16
CA ASP A 181 11.21 -29.28 -5.05
C ASP A 181 12.48 -30.12 -5.21
N THR A 182 12.60 -31.17 -4.42
CA THR A 182 13.83 -31.95 -4.40
C THR A 182 13.83 -33.04 -5.47
N GLU A 183 12.87 -32.99 -6.39
CA GLU A 183 12.82 -33.91 -7.51
C GLU A 183 13.09 -33.16 -8.81
N GLY A 184 13.44 -31.88 -8.66
CA GLY A 184 13.68 -30.99 -9.79
C GLY A 184 12.42 -30.53 -10.49
N GLU A 185 11.31 -30.58 -9.77
CA GLU A 185 10.02 -30.19 -10.31
C GLU A 185 9.66 -28.72 -10.04
N TYR A 186 9.03 -28.09 -11.02
CA TYR A 186 8.41 -26.79 -10.84
C TYR A 186 7.14 -26.97 -10.02
N ARG A 187 7.07 -26.31 -8.88
CA ARG A 187 5.86 -26.35 -8.04
C ARG A 187 5.19 -24.97 -7.95
N TRP A 188 5.73 -23.99 -8.68
CA TRP A 188 5.23 -22.62 -8.65
C TRP A 188 5.81 -21.77 -9.78
N TRP A 189 4.98 -20.94 -10.40
CA TRP A 189 5.43 -20.04 -11.45
C TRP A 189 4.72 -18.70 -11.32
N LEU A 190 5.52 -17.64 -11.19
CA LEU A 190 5.01 -16.29 -11.29
C LEU A 190 5.07 -15.81 -12.72
N ASP A 191 3.90 -15.73 -13.33
CA ASP A 191 3.72 -15.14 -14.64
C ASP A 191 4.65 -13.94 -14.89
N GLN A 192 5.41 -14.02 -15.97
CA GLN A 192 6.32 -12.94 -16.36
C GLN A 192 5.62 -11.60 -16.58
N ASP A 193 4.32 -11.63 -16.90
CA ASP A 193 3.52 -10.44 -17.13
C ASP A 193 3.02 -9.80 -15.83
N THR A 194 3.23 -10.46 -14.71
CA THR A 194 2.82 -9.90 -13.44
C THR A 194 3.38 -8.51 -13.23
N PHE A 195 4.70 -8.37 -13.40
CA PHE A 195 5.37 -7.09 -13.19
C PHE A 195 6.06 -6.55 -14.45
N TYR A 196 6.28 -7.39 -15.46
CA TYR A 196 7.21 -7.03 -16.53
C TYR A 196 6.58 -7.09 -17.92
N ASP A 197 6.96 -6.15 -18.76
CA ASP A 197 6.62 -6.17 -20.18
C ASP A 197 7.79 -5.60 -20.96
N GLY A 198 8.57 -6.46 -21.56
CA GLY A 198 9.73 -6.01 -22.29
C GLY A 198 9.39 -5.69 -23.72
N ARG A 199 8.18 -6.01 -24.15
CA ARG A 199 7.79 -5.65 -25.50
C ARG A 199 7.28 -4.21 -25.55
N ASP A 200 6.65 -3.77 -24.48
CA ASP A 200 6.15 -2.42 -24.35
C ASP A 200 7.30 -1.52 -23.96
N ARG A 201 7.11 -0.21 -24.12
CA ARG A 201 8.06 0.77 -23.62
C ARG A 201 7.46 1.57 -22.48
N ASP A 202 6.81 0.85 -21.60
CA ASP A 202 6.27 1.38 -20.37
C ASP A 202 7.29 1.09 -19.28
N ILE A 203 8.08 2.09 -18.94
CA ILE A 203 9.14 1.94 -17.94
C ILE A 203 8.60 1.51 -16.57
N ASN A 204 7.29 1.59 -16.38
CA ASN A 204 6.69 1.13 -15.12
C ASN A 204 6.73 -0.40 -15.07
N LYS A 205 6.90 -0.99 -16.25
CA LYS A 205 6.87 -2.44 -16.44
C LYS A 205 8.23 -2.96 -16.87
N ARG A 206 9.29 -2.22 -16.49
CA ARG A 206 10.65 -2.51 -16.90
C ARG A 206 11.59 -2.58 -15.70
N GLY A 207 12.72 -3.23 -15.90
CA GLY A 207 13.73 -3.29 -14.86
C GLY A 207 14.18 -4.69 -14.57
N TYR A 208 14.68 -4.90 -13.36
CA TYR A 208 15.31 -6.15 -12.97
C TYR A 208 14.64 -6.64 -11.70
N LEU A 209 13.79 -7.66 -11.80
CA LEU A 209 13.09 -8.17 -10.63
C LEU A 209 14.06 -8.74 -9.58
N MET A 210 14.09 -8.17 -8.38
CA MET A 210 15.14 -8.51 -7.42
C MET A 210 14.75 -8.29 -5.98
N GLY A 211 15.62 -8.76 -5.09
CA GLY A 211 15.48 -8.48 -3.67
C GLY A 211 14.17 -8.95 -3.11
N ILE A 212 13.73 -10.12 -3.55
CA ILE A 212 12.53 -10.78 -3.05
C ILE A 212 12.77 -11.33 -1.65
N ARG A 213 11.99 -10.85 -0.69
CA ARG A 213 12.23 -11.18 0.70
C ARG A 213 10.93 -11.39 1.43
N GLU A 214 10.85 -12.44 2.23
CA GLU A 214 9.66 -12.71 2.99
C GLU A 214 9.36 -11.57 3.96
N THR A 215 8.07 -11.40 4.26
CA THR A 215 7.61 -10.45 5.27
C THR A 215 7.07 -11.20 6.47
N PRO A 216 6.73 -10.48 7.54
CA PRO A 216 6.17 -11.09 8.75
C PRO A 216 4.77 -11.64 8.55
N ARG A 217 4.22 -11.47 7.36
CA ARG A 217 2.88 -11.94 7.07
C ARG A 217 2.93 -13.19 6.21
N GLY A 218 4.14 -13.64 5.91
CA GLY A 218 4.35 -14.79 5.05
C GLY A 218 4.31 -14.38 3.59
N THR A 219 4.52 -13.09 3.34
CA THR A 219 4.47 -12.58 1.98
C THR A 219 5.84 -12.10 1.56
N PHE A 220 5.93 -11.54 0.36
CA PHE A 220 7.21 -11.17 -0.16
C PHE A 220 7.23 -9.76 -0.74
N THR A 221 8.34 -9.06 -0.50
CA THR A 221 8.61 -7.79 -1.16
C THR A 221 9.49 -8.01 -2.38
N ALA A 222 9.52 -7.03 -3.27
CA ALA A 222 10.36 -7.11 -4.46
C ALA A 222 10.55 -5.72 -5.03
N VAL A 223 11.61 -5.55 -5.82
CA VAL A 223 11.79 -4.31 -6.54
C VAL A 223 11.93 -4.62 -8.01
N GLN A 224 11.39 -3.78 -8.87
CA GLN A 224 11.71 -3.85 -10.28
C GLN A 224 11.70 -2.46 -10.92
N GLY A 225 12.89 -1.95 -11.21
CA GLY A 225 13.05 -0.68 -11.89
C GLY A 225 12.71 0.53 -11.06
N GLN A 226 11.57 1.13 -11.35
CA GLN A 226 11.17 2.39 -10.77
C GLN A 226 10.01 2.19 -9.77
N HIS A 227 9.72 0.92 -9.47
CA HIS A 227 8.65 0.49 -8.57
C HIS A 227 9.09 -0.49 -7.47
N TRP A 228 8.31 -0.58 -6.40
CA TRP A 228 8.44 -1.70 -5.47
C TRP A 228 7.09 -2.33 -5.18
N TYR A 229 7.11 -3.64 -4.93
CA TYR A 229 5.91 -4.47 -4.83
C TYR A 229 5.83 -5.32 -3.56
N GLU A 230 4.63 -5.81 -3.28
CA GLU A 230 4.42 -6.91 -2.33
C GLU A 230 3.47 -7.86 -3.01
N PHE A 231 3.59 -9.16 -2.72
CA PHE A 231 2.79 -10.16 -3.40
C PHE A 231 2.79 -11.43 -2.59
N ASP A 232 1.77 -12.26 -2.78
CA ASP A 232 1.70 -13.53 -2.08
C ASP A 232 1.80 -14.71 -3.02
N MET A 233 1.71 -15.90 -2.44
CA MET A 233 1.98 -17.11 -3.17
C MET A 233 0.81 -17.54 -4.03
N MET A 234 -0.27 -16.77 -3.97
CA MET A 234 -1.43 -16.99 -4.82
C MET A 234 -1.36 -16.11 -6.06
N GLY A 235 -0.32 -15.29 -6.11
CA GLY A 235 -0.11 -14.40 -7.24
C GLY A 235 -0.81 -13.06 -7.10
N GLN A 236 -1.25 -12.75 -5.88
CA GLN A 236 -1.90 -11.50 -5.59
C GLN A 236 -0.86 -10.41 -5.44
N VAL A 237 -1.08 -9.29 -6.13
CA VAL A 237 -0.21 -8.14 -5.94
C VAL A 237 -0.81 -7.25 -4.85
N LEU A 238 -0.13 -7.24 -3.71
CA LEU A 238 -0.65 -6.58 -2.52
C LEU A 238 -0.26 -5.10 -2.46
N GLU A 239 0.93 -4.77 -2.93
CA GLU A 239 1.33 -3.38 -3.07
C GLU A 239 2.02 -3.14 -4.40
N ASP A 240 1.86 -1.95 -4.92
CA ASP A 240 2.58 -1.51 -6.10
C ASP A 240 2.89 -0.03 -5.89
N HIS A 241 4.14 0.30 -5.67
CA HIS A 241 4.51 1.67 -5.41
C HIS A 241 5.52 2.20 -6.43
N LYS A 242 5.27 3.39 -6.96
CA LYS A 242 6.30 4.13 -7.68
C LYS A 242 7.34 4.56 -6.65
N LEU A 243 8.57 4.78 -7.07
CA LEU A 243 9.56 5.27 -6.12
C LEU A 243 9.32 6.76 -5.87
N PRO A 244 9.62 7.24 -4.66
CA PRO A 244 9.51 8.68 -4.35
C PRO A 244 10.27 9.49 -5.39
N ARG A 245 9.75 10.65 -5.79
CA ARG A 245 10.21 11.33 -7.01
C ARG A 245 11.69 11.65 -7.07
N GLY A 246 12.36 11.74 -5.92
CA GLY A 246 13.78 12.00 -5.93
C GLY A 246 14.62 10.84 -6.44
N PHE A 247 14.01 9.66 -6.54
CA PHE A 247 14.79 8.44 -6.64
C PHE A 247 14.48 7.55 -7.83
N ALA A 248 15.46 6.72 -8.18
CA ALA A 248 15.42 5.90 -9.39
C ALA A 248 16.16 4.59 -9.18
N ASP A 249 15.89 3.64 -10.09
CA ASP A 249 16.62 2.37 -10.22
C ASP A 249 16.80 1.59 -8.92
N ALA A 250 15.71 1.01 -8.45
CA ALA A 250 15.73 0.16 -7.28
C ALA A 250 16.13 -1.25 -7.69
N THR A 251 17.22 -1.74 -7.12
CA THR A 251 17.73 -3.04 -7.49
C THR A 251 18.15 -3.80 -6.25
N HIS A 252 18.29 -5.11 -6.39
CA HIS A 252 19.07 -5.93 -5.46
C HIS A 252 18.39 -6.34 -4.18
N GLU A 253 17.80 -5.40 -3.47
CA GLU A 253 17.25 -5.75 -2.18
C GLU A 253 15.98 -5.00 -1.80
N SER A 254 15.14 -5.66 -1.03
CA SER A 254 14.02 -5.02 -0.40
C SER A 254 13.61 -5.87 0.78
N ILE A 255 13.80 -5.35 1.98
CA ILE A 255 13.43 -6.09 3.17
C ILE A 255 12.52 -5.26 4.07
N GLU A 256 11.47 -5.90 4.59
CA GLU A 256 10.59 -5.26 5.53
C GLU A 256 11.16 -5.24 6.94
N THR A 257 10.89 -4.20 7.70
CA THR A 257 11.37 -4.07 9.07
C THR A 257 10.26 -4.52 10.00
N PRO A 258 10.53 -4.59 11.31
CA PRO A 258 9.53 -4.87 12.33
C PRO A 258 8.54 -3.71 12.52
N ASN A 259 8.95 -2.54 12.02
CA ASN A 259 8.19 -1.32 12.18
C ASN A 259 7.28 -1.10 11.00
N GLY A 260 7.30 -2.05 10.08
CA GLY A 260 6.40 -1.99 8.95
C GLY A 260 6.91 -1.05 7.90
N THR A 261 8.17 -0.65 8.02
CA THR A 261 8.79 0.11 6.94
C THR A 261 9.45 -0.89 6.03
N VAL A 262 9.86 -0.42 4.87
CA VAL A 262 10.59 -1.25 3.93
C VAL A 262 11.87 -0.53 3.52
N LEU A 263 12.98 -1.25 3.53
CA LEU A 263 14.26 -0.69 3.14
C LEU A 263 14.57 -1.00 1.67
N LEU A 264 14.84 0.04 0.89
CA LEU A 264 15.13 -0.11 -0.53
C LEU A 264 16.52 0.39 -0.87
N ARG A 265 17.07 -0.14 -1.96
CA ARG A 265 18.34 0.26 -2.46
C ARG A 265 18.03 0.94 -3.75
N VAL A 266 18.47 2.19 -3.87
CA VAL A 266 18.18 2.97 -5.05
C VAL A 266 19.34 3.87 -5.45
N GLY A 267 19.08 4.72 -6.44
CA GLY A 267 19.91 5.87 -6.70
C GLY A 267 19.15 7.19 -6.54
N LYS A 268 19.87 8.29 -6.55
CA LYS A 268 19.26 9.61 -6.52
C LYS A 268 19.27 10.18 -7.93
N SER A 269 18.09 10.50 -8.44
CA SER A 269 17.94 11.15 -9.74
C SER A 269 18.16 12.65 -9.62
N ASN A 270 18.68 13.26 -10.67
CA ASN A 270 19.12 14.65 -10.67
C ASN A 270 19.84 15.07 -9.40
N TYR A 271 20.89 14.33 -9.10
CA TYR A 271 21.75 14.57 -7.96
C TYR A 271 22.74 15.64 -8.39
N ARG A 272 22.80 16.74 -7.64
CA ARG A 272 23.70 17.81 -8.02
C ARG A 272 25.12 17.60 -7.46
N ARG A 273 26.05 17.41 -8.37
CA ARG A 273 27.46 17.24 -8.03
C ARG A 273 28.08 18.55 -7.59
N ASP A 274 29.29 18.46 -7.04
CA ASP A 274 30.00 19.64 -6.57
C ASP A 274 30.45 20.53 -7.73
N ASP A 275 30.75 19.94 -8.88
CA ASP A 275 31.04 20.73 -10.06
C ASP A 275 29.75 21.23 -10.72
N GLY A 276 28.62 20.94 -10.06
CA GLY A 276 27.32 21.44 -10.47
C GLY A 276 26.67 20.71 -11.63
N VAL A 277 27.13 19.50 -11.90
CA VAL A 277 26.51 18.64 -12.91
C VAL A 277 25.57 17.66 -12.23
N HIS A 278 24.40 17.46 -12.83
CA HIS A 278 23.40 16.58 -12.26
C HIS A 278 23.51 15.21 -12.86
N VAL A 279 23.38 14.21 -12.01
CA VAL A 279 23.43 12.83 -12.44
C VAL A 279 22.44 12.01 -11.63
N THR A 280 21.95 10.92 -12.24
CA THR A 280 21.35 9.84 -11.47
C THR A 280 22.52 9.03 -10.89
N THR A 281 22.66 9.01 -9.58
CA THR A 281 23.76 8.27 -8.97
C THR A 281 23.53 6.78 -9.08
N ILE A 282 24.57 6.01 -8.80
CA ILE A 282 24.52 4.56 -9.04
C ILE A 282 24.62 3.72 -7.76
N ARG A 283 23.52 3.04 -7.46
CA ARG A 283 23.40 2.11 -6.35
C ARG A 283 24.04 2.57 -5.05
N ASP A 284 23.89 3.86 -4.71
CA ASP A 284 24.54 4.38 -3.50
C ASP A 284 23.58 5.10 -2.56
N HIS A 285 22.28 4.84 -2.67
CA HIS A 285 21.31 5.41 -1.73
C HIS A 285 20.40 4.35 -1.12
N ILE A 286 19.98 4.60 0.11
CA ILE A 286 19.11 3.69 0.85
C ILE A 286 17.84 4.39 1.30
N LEU A 287 16.68 3.88 0.91
CA LEU A 287 15.40 4.42 1.36
C LEU A 287 14.76 3.60 2.46
N GLU A 288 14.13 4.28 3.41
CA GLU A 288 13.17 3.61 4.24
C GLU A 288 11.81 4.18 3.93
N VAL A 289 10.90 3.33 3.47
CA VAL A 289 9.60 3.81 3.04
C VAL A 289 8.52 3.15 3.88
N ASP A 290 7.39 3.83 4.00
CA ASP A 290 6.26 3.25 4.69
C ASP A 290 5.31 2.67 3.66
N LYS A 291 4.21 2.09 4.14
CA LYS A 291 3.31 1.39 3.24
C LYS A 291 2.42 2.34 2.47
N SER A 292 2.61 3.64 2.68
CA SER A 292 2.04 4.68 1.83
C SER A 292 2.98 5.00 0.68
N GLY A 293 4.19 4.46 0.77
CA GLY A 293 5.20 4.74 -0.22
C GLY A 293 6.01 5.97 0.13
N ARG A 294 5.76 6.55 1.29
CA ARG A 294 6.41 7.79 1.67
C ARG A 294 7.79 7.53 2.25
N VAL A 295 8.63 8.55 2.25
CA VAL A 295 10.01 8.39 2.64
C VAL A 295 10.19 8.66 4.11
N VAL A 296 10.53 7.61 4.85
CA VAL A 296 10.70 7.65 6.29
C VAL A 296 12.09 8.15 6.64
N ASP A 297 13.06 7.69 5.87
CA ASP A 297 14.43 8.15 6.03
C ASP A 297 15.23 7.88 4.78
N VAL A 298 16.37 8.53 4.66
CA VAL A 298 17.24 8.31 3.53
C VAL A 298 18.69 8.31 3.96
N TRP A 299 19.47 7.40 3.37
CA TRP A 299 20.89 7.32 3.63
C TRP A 299 21.63 7.61 2.35
N ASP A 300 22.27 8.79 2.29
CA ASP A 300 23.11 9.15 1.15
C ASP A 300 24.53 8.66 1.38
N LEU A 301 24.89 7.57 0.73
CA LEU A 301 26.19 6.94 0.95
C LEU A 301 27.36 7.77 0.43
N THR A 302 27.08 8.70 -0.46
CA THR A 302 28.11 9.55 -1.03
C THR A 302 28.63 10.56 0.00
N LYS A 303 27.90 10.73 1.09
CA LYS A 303 28.31 11.61 2.17
C LYS A 303 28.63 10.84 3.44
N ILE A 304 28.52 9.52 3.39
CA ILE A 304 28.81 8.71 4.57
C ILE A 304 30.11 7.98 4.34
N LEU A 305 30.27 7.43 3.14
CA LEU A 305 31.46 6.67 2.83
C LEU A 305 32.43 7.50 2.00
N ASP A 306 33.33 6.83 1.30
CA ASP A 306 34.42 7.45 0.55
C ASP A 306 34.29 7.05 -0.91
N PRO A 307 33.57 7.85 -1.69
CA PRO A 307 33.38 7.57 -3.11
C PRO A 307 34.66 7.68 -3.92
N LYS A 308 35.78 7.94 -3.26
CA LYS A 308 37.06 8.10 -3.96
C LYS A 308 38.02 6.92 -3.71
N ARG A 309 37.61 5.99 -2.85
CA ARG A 309 38.38 4.78 -2.54
C ARG A 309 38.31 3.74 -3.66
N ASP A 310 39.46 3.45 -4.27
CA ASP A 310 39.52 2.57 -5.44
C ASP A 310 40.34 1.30 -5.20
N ALA A 311 40.64 1.03 -3.94
CA ALA A 311 41.33 -0.17 -3.51
C ALA A 311 40.78 -1.45 -4.15
N LEU A 312 39.48 -1.67 -4.05
CA LEU A 312 38.86 -2.86 -4.61
C LEU A 312 38.49 -2.64 -6.07
N LEU A 313 37.97 -1.45 -6.37
CA LEU A 313 37.50 -1.09 -7.71
C LEU A 313 38.50 -1.32 -8.84
N GLY A 314 39.72 -0.86 -8.63
CA GLY A 314 40.75 -1.00 -9.64
C GLY A 314 41.21 -2.44 -9.77
N ALA A 315 40.77 -3.30 -8.86
CA ALA A 315 41.28 -4.66 -8.85
C ALA A 315 40.25 -5.66 -9.34
N LEU A 316 39.47 -5.29 -10.34
CA LEU A 316 38.33 -6.11 -10.68
C LEU A 316 38.40 -6.74 -12.04
N ASP A 317 37.63 -7.83 -12.18
CA ASP A 317 37.50 -8.56 -13.43
C ASP A 317 36.51 -7.83 -14.34
N ALA A 318 37.03 -7.28 -15.43
CA ALA A 318 36.25 -6.50 -16.38
C ALA A 318 35.03 -7.26 -16.89
N GLY A 319 35.14 -8.58 -16.96
CA GLY A 319 34.09 -9.42 -17.50
C GLY A 319 32.77 -9.33 -16.77
N ALA A 320 32.83 -9.00 -15.49
CA ALA A 320 31.63 -8.82 -14.68
C ALA A 320 31.05 -7.42 -14.83
N ALA A 328 33.71 -11.45 -23.16
CA ALA A 328 34.08 -10.18 -23.80
C ALA A 328 35.50 -9.79 -23.44
N HIS A 329 35.64 -8.98 -22.39
CA HIS A 329 36.94 -8.62 -21.82
C HIS A 329 37.10 -9.25 -20.45
N ALA A 330 36.52 -10.43 -20.30
CA ALA A 330 36.55 -11.14 -19.03
C ALA A 330 37.98 -11.39 -18.58
N GLY A 331 38.14 -11.73 -17.31
CA GLY A 331 39.43 -12.07 -16.75
C GLY A 331 40.29 -10.87 -16.45
N GLN A 332 40.39 -9.97 -17.42
CA GLN A 332 41.24 -8.78 -17.31
C GLN A 332 40.87 -7.93 -16.11
N GLN A 333 41.89 -7.51 -15.37
CA GLN A 333 41.70 -6.65 -14.22
C GLN A 333 41.23 -5.26 -14.64
N ALA A 334 40.42 -4.64 -13.80
CA ALA A 334 39.78 -3.37 -14.14
C ALA A 334 40.75 -2.20 -14.10
N LYS A 335 40.94 -1.51 -15.22
CA LYS A 335 41.76 -0.30 -15.23
C LYS A 335 40.91 0.96 -15.26
N LEU A 336 40.83 1.63 -14.12
CA LEU A 336 40.07 2.85 -14.02
C LEU A 336 40.68 3.95 -14.85
N GLU A 337 39.81 4.80 -15.38
CA GLU A 337 40.24 6.00 -16.07
C GLU A 337 39.53 7.18 -15.41
N PRO A 338 40.12 8.38 -15.50
CA PRO A 338 39.55 9.56 -14.82
C PRO A 338 38.41 10.23 -15.60
N ASP A 339 38.31 9.93 -16.90
CA ASP A 339 37.35 10.60 -17.77
C ASP A 339 36.18 9.72 -18.19
N THR A 340 36.02 8.59 -17.52
CA THR A 340 34.88 7.70 -17.74
C THR A 340 33.56 8.46 -17.61
N PRO A 341 32.69 8.34 -18.62
CA PRO A 341 31.41 9.05 -18.58
C PRO A 341 30.53 8.53 -17.46
N PHE A 342 29.69 9.40 -16.90
CA PHE A 342 28.79 8.98 -15.83
C PHE A 342 27.82 7.94 -16.33
N GLY A 343 27.39 7.08 -15.43
CA GLY A 343 26.50 6.01 -15.80
C GLY A 343 26.86 4.72 -15.10
N ASP A 344 26.22 3.65 -15.54
CA ASP A 344 26.42 2.33 -14.96
C ASP A 344 27.77 1.76 -15.40
N ALA A 345 28.83 2.30 -14.82
CA ALA A 345 30.18 1.93 -15.16
C ALA A 345 31.09 1.95 -13.94
N LEU A 346 32.06 1.05 -13.92
CA LEU A 346 33.08 1.01 -12.85
C LEU A 346 33.89 2.31 -12.81
N GLY A 347 33.97 2.92 -11.63
CA GLY A 347 34.61 4.19 -11.50
C GLY A 347 34.43 4.78 -10.12
N VAL A 348 34.98 5.96 -9.95
CA VAL A 348 35.06 6.61 -8.66
C VAL A 348 34.04 7.75 -8.68
N GLY A 349 33.54 8.14 -7.52
CA GLY A 349 32.64 9.29 -7.44
C GLY A 349 31.20 9.10 -7.86
N PRO A 350 30.33 10.02 -7.42
CA PRO A 350 28.88 10.07 -7.64
C PRO A 350 28.50 10.14 -9.11
N GLY A 351 27.66 9.21 -9.57
CA GLY A 351 27.29 9.14 -10.96
C GLY A 351 28.13 8.08 -11.62
N ARG A 352 28.97 7.42 -10.82
CA ARG A 352 29.65 6.21 -11.26
C ARG A 352 29.47 5.11 -10.23
N ASN A 353 29.72 3.88 -10.67
CA ASN A 353 29.42 2.72 -9.84
C ASN A 353 30.45 2.52 -8.76
N TRP A 354 30.61 3.51 -7.90
CA TRP A 354 31.68 3.47 -6.92
C TRP A 354 31.39 2.48 -5.78
N ALA A 355 30.11 2.25 -5.53
CA ALA A 355 29.67 1.56 -4.31
C ALA A 355 29.05 0.22 -4.58
N HIS A 356 28.05 0.20 -5.45
CA HIS A 356 27.35 -1.03 -5.75
C HIS A 356 26.84 -1.76 -4.50
N VAL A 357 26.04 -1.07 -3.69
CA VAL A 357 25.37 -1.73 -2.57
C VAL A 357 24.42 -2.77 -3.14
N ASN A 358 24.49 -3.99 -2.64
CA ASN A 358 23.64 -5.07 -3.14
C ASN A 358 22.87 -5.78 -2.03
N SER A 359 22.97 -5.28 -0.80
CA SER A 359 22.25 -5.92 0.28
C SER A 359 22.07 -5.04 1.52
N ILE A 360 20.94 -5.21 2.19
CA ILE A 360 20.59 -4.45 3.37
C ILE A 360 20.18 -5.40 4.47
N ALA A 361 20.52 -5.06 5.71
CA ALA A 361 19.98 -5.78 6.85
C ALA A 361 19.66 -4.80 7.97
N TYR A 362 18.48 -4.90 8.56
CA TYR A 362 18.14 -3.99 9.63
C TYR A 362 18.54 -4.58 10.95
N ASP A 363 19.24 -3.82 11.77
CA ASP A 363 19.57 -4.26 13.10
C ASP A 363 18.66 -3.60 14.09
N ALA A 364 17.68 -4.37 14.56
CA ALA A 364 16.65 -3.83 15.43
C ALA A 364 17.17 -3.52 16.81
N LYS A 365 18.30 -4.10 17.19
CA LYS A 365 18.80 -3.87 18.53
C LYS A 365 19.26 -2.43 18.67
N ASP A 366 19.86 -1.88 17.61
CA ASP A 366 20.41 -0.53 17.70
C ASP A 366 19.90 0.40 16.59
N ASP A 367 18.81 0.00 15.93
CA ASP A 367 18.20 0.84 14.91
C ASP A 367 19.23 1.25 13.86
N SER A 368 19.93 0.29 13.30
CA SER A 368 20.98 0.58 12.34
C SER A 368 20.93 -0.41 11.20
N ILE A 369 21.26 0.04 10.00
CA ILE A 369 21.27 -0.82 8.83
C ILE A 369 22.65 -1.44 8.63
N ILE A 370 22.70 -2.65 8.09
CA ILE A 370 23.96 -3.26 7.72
C ILE A 370 23.96 -3.46 6.22
N LEU A 371 25.07 -3.07 5.58
CA LEU A 371 25.13 -2.98 4.14
C LEU A 371 26.33 -3.68 3.49
N SER A 372 26.10 -4.25 2.32
CA SER A 372 27.13 -4.87 1.52
C SER A 372 27.40 -4.07 0.27
N SER A 373 28.58 -3.48 0.20
CA SER A 373 29.03 -2.74 -0.96
C SER A 373 29.93 -3.61 -1.80
N ARG A 374 29.44 -4.07 -2.95
CA ARG A 374 30.23 -4.99 -3.74
C ARG A 374 31.64 -4.48 -3.94
N HIS A 375 31.77 -3.17 -4.09
CA HIS A 375 33.04 -2.55 -4.45
C HIS A 375 33.76 -1.87 -3.32
N GLN A 376 33.43 -2.16 -2.06
CA GLN A 376 34.10 -1.44 -0.98
C GLN A 376 34.30 -2.23 0.28
N GLY A 377 33.31 -3.03 0.63
CA GLY A 377 33.34 -3.81 1.85
C GLY A 377 31.96 -3.86 2.46
N VAL A 378 31.88 -4.15 3.75
CA VAL A 378 30.61 -4.26 4.46
C VAL A 378 30.60 -3.28 5.62
N VAL A 379 29.49 -2.59 5.84
CA VAL A 379 29.44 -1.54 6.86
C VAL A 379 28.14 -1.48 7.65
N LYS A 380 28.23 -0.98 8.87
CA LYS A 380 27.06 -0.63 9.66
C LYS A 380 27.00 0.87 9.87
N ILE A 381 25.88 1.46 9.47
CA ILE A 381 25.67 2.88 9.63
C ILE A 381 24.49 3.11 10.57
N GLY A 382 24.67 3.97 11.56
CA GLY A 382 23.62 4.19 12.53
C GLY A 382 22.48 4.98 11.94
N ARG A 383 21.41 5.14 12.70
CA ARG A 383 20.31 6.00 12.29
C ARG A 383 20.83 7.43 12.18
N ASP A 384 21.85 7.73 12.99
CA ASP A 384 22.47 9.04 13.01
C ASP A 384 23.35 9.28 11.78
N LYS A 385 23.26 8.39 10.82
CA LYS A 385 24.03 8.48 9.59
C LYS A 385 25.54 8.46 9.86
N GLN A 386 25.94 7.92 11.01
CA GLN A 386 27.35 7.72 11.33
CA GLN A 386 27.35 7.72 11.33
C GLN A 386 27.78 6.27 11.11
N VAL A 387 28.91 6.09 10.46
CA VAL A 387 29.44 4.75 10.28
C VAL A 387 29.82 4.18 11.63
N LYS A 388 29.49 2.92 11.86
CA LYS A 388 29.71 2.32 13.16
C LYS A 388 30.87 1.33 13.11
N TRP A 389 30.88 0.45 12.13
CA TRP A 389 32.07 -0.35 11.85
C TRP A 389 32.17 -0.66 10.38
N ILE A 390 33.38 -1.02 9.96
CA ILE A 390 33.62 -1.49 8.61
C ILE A 390 34.28 -2.84 8.65
N LEU A 391 33.95 -3.69 7.69
CA LEU A 391 34.62 -4.95 7.49
C LEU A 391 35.17 -5.00 6.09
N ALA A 392 36.42 -4.60 5.94
CA ALA A 392 37.09 -4.60 4.65
C ALA A 392 38.60 -4.49 4.87
N PRO A 393 39.39 -4.90 3.87
CA PRO A 393 40.84 -4.75 3.96
C PRO A 393 41.23 -3.29 4.19
N SER A 394 42.33 -3.07 4.92
CA SER A 394 42.69 -1.73 5.39
C SER A 394 43.06 -0.77 4.26
N LYS A 395 43.46 -1.31 3.12
CA LYS A 395 43.93 -0.50 2.00
C LYS A 395 42.87 0.47 1.48
N GLY A 396 43.29 1.72 1.23
CA GLY A 396 42.44 2.70 0.59
C GLY A 396 41.74 3.68 1.52
N TRP A 397 41.42 3.23 2.72
CA TRP A 397 40.67 4.02 3.69
C TRP A 397 41.50 5.15 4.27
N GLU A 398 40.88 6.30 4.48
CA GLU A 398 41.50 7.39 5.19
C GLU A 398 40.79 7.49 6.54
N LYS A 399 41.25 8.35 7.42
CA LYS A 399 40.43 8.65 8.60
C LYS A 399 39.43 9.70 8.18
N PRO A 400 38.34 9.83 8.95
CA PRO A 400 38.08 9.08 10.18
C PRO A 400 37.50 7.69 9.95
N LEU A 401 37.29 7.32 8.69
CA LEU A 401 36.69 6.02 8.40
C LEU A 401 37.61 4.89 8.83
N ALA A 402 38.91 5.09 8.60
CA ALA A 402 39.90 4.06 8.83
C ALA A 402 39.84 3.49 10.24
N SER A 403 39.36 4.31 11.18
CA SER A 403 39.29 3.92 12.58
C SER A 403 38.08 3.04 12.87
N LYS A 404 37.17 2.94 11.91
CA LYS A 404 35.96 2.15 12.10
C LYS A 404 36.16 0.72 11.61
N LEU A 405 37.26 0.50 10.88
CA LEU A 405 37.61 -0.83 10.42
C LEU A 405 37.68 -1.79 11.58
N LEU A 406 37.15 -2.99 11.40
CA LEU A 406 37.18 -3.99 12.45
C LEU A 406 38.52 -4.71 12.49
N LYS A 407 38.83 -5.30 13.64
CA LYS A 407 40.10 -5.97 13.81
C LYS A 407 39.89 -7.46 14.00
N PRO A 408 40.48 -8.26 13.12
CA PRO A 408 40.37 -9.72 13.16
C PRO A 408 41.02 -10.30 14.40
N VAL A 409 40.33 -11.22 15.05
CA VAL A 409 40.92 -11.92 16.17
C VAL A 409 40.54 -13.38 16.10
N ASP A 410 41.26 -14.22 16.84
CA ASP A 410 40.99 -15.65 16.87
C ASP A 410 39.94 -15.99 17.91
N ALA A 411 39.78 -17.27 18.20
CA ALA A 411 38.75 -17.71 19.14
C ALA A 411 39.14 -17.34 20.57
N ASN A 412 40.42 -17.02 20.77
CA ASN A 412 40.93 -16.59 22.08
C ASN A 412 40.87 -15.08 22.23
N GLY A 413 40.63 -14.39 21.12
CA GLY A 413 40.53 -12.93 21.11
C GLY A 413 41.81 -12.23 20.70
N LYS A 414 42.87 -13.00 20.51
CA LYS A 414 44.17 -12.48 20.13
C LYS A 414 44.18 -12.04 18.67
N PRO A 415 44.64 -10.82 18.40
CA PRO A 415 44.65 -10.22 17.05
C PRO A 415 45.22 -11.14 15.98
N ILE A 416 44.77 -10.96 14.76
CA ILE A 416 45.27 -11.72 13.63
C ILE A 416 45.94 -10.76 12.69
N THR A 417 47.16 -11.09 12.31
CA THR A 417 47.97 -10.21 11.50
C THR A 417 47.73 -10.37 10.01
N CYS A 418 47.15 -9.34 9.39
CA CYS A 418 46.89 -9.37 7.96
C CYS A 418 47.41 -8.08 7.35
N ASN A 419 47.83 -8.12 6.10
CA ASN A 419 48.31 -6.89 5.46
C ASN A 419 47.16 -6.00 4.98
N GLU A 420 47.48 -4.97 4.21
CA GLU A 420 46.47 -4.00 3.79
C GLU A 420 45.61 -4.55 2.66
N ASN A 421 46.02 -5.69 2.11
CA ASN A 421 45.29 -6.31 1.02
C ASN A 421 44.32 -7.40 1.51
N GLY A 422 44.30 -7.63 2.82
CA GLY A 422 43.42 -8.63 3.41
C GLY A 422 44.04 -10.01 3.60
N LEU A 423 45.33 -10.12 3.32
CA LEU A 423 46.04 -11.38 3.45
C LEU A 423 46.50 -11.58 4.90
N CYS A 424 45.86 -12.52 5.59
CA CYS A 424 46.17 -12.81 6.99
C CYS A 424 47.35 -13.78 7.12
N GLU A 425 47.79 -13.96 8.35
CA GLU A 425 48.95 -14.80 8.61
C GLU A 425 48.65 -15.89 9.62
N ASN A 426 48.83 -17.14 9.21
CA ASN A 426 48.64 -18.28 10.09
C ASN A 426 47.23 -18.32 10.61
N SER A 427 46.26 -18.37 9.70
CA SER A 427 44.86 -18.33 10.09
C SER A 427 43.94 -18.61 8.91
N ASP A 428 42.73 -19.05 9.19
CA ASP A 428 41.75 -19.20 8.15
C ASP A 428 41.06 -17.88 7.91
N PHE A 429 41.33 -16.91 8.78
CA PHE A 429 40.63 -15.66 8.73
C PHE A 429 40.96 -14.92 7.46
N ASP A 430 39.91 -14.50 6.79
CA ASP A 430 40.04 -13.72 5.58
C ASP A 430 38.78 -12.89 5.46
N PHE A 431 38.89 -11.74 4.83
CA PHE A 431 37.74 -10.86 4.68
C PHE A 431 36.88 -11.37 3.54
N THR A 432 36.00 -10.52 3.01
CA THR A 432 35.19 -10.87 1.86
C THR A 432 35.36 -9.84 0.75
N TYR A 433 35.15 -10.27 -0.50
CA TYR A 433 35.46 -9.44 -1.66
C TYR A 433 34.35 -9.56 -2.69
N THR A 434 33.89 -8.43 -3.20
CA THR A 434 32.71 -8.39 -4.08
C THR A 434 31.53 -9.22 -3.54
N GLN A 435 31.35 -9.16 -2.23
CA GLN A 435 30.41 -10.03 -1.52
C GLN A 435 28.95 -9.65 -1.70
N ASN A 436 28.07 -10.54 -1.25
CA ASN A 436 26.63 -10.40 -1.38
C ASN A 436 25.91 -10.76 -0.08
N THR A 437 24.62 -10.45 -0.01
CA THR A 437 23.77 -10.64 1.18
C THR A 437 24.52 -10.72 2.50
N ALA A 438 24.96 -9.57 3.01
CA ALA A 438 25.51 -9.51 4.34
C ALA A 438 24.39 -9.34 5.36
N TRP A 439 23.90 -10.45 5.88
CA TRP A 439 22.67 -10.45 6.68
C TRP A 439 22.91 -10.81 8.14
N ILE A 440 21.86 -10.74 8.94
CA ILE A 440 21.98 -11.10 10.35
C ILE A 440 21.32 -12.44 10.56
N SER A 441 22.13 -13.45 10.87
CA SER A 441 21.57 -14.77 11.06
C SER A 441 20.68 -14.76 12.29
N SER A 442 19.84 -15.79 12.38
CA SER A 442 19.02 -16.04 13.55
C SER A 442 19.86 -16.17 14.80
N LYS A 443 21.15 -16.43 14.62
CA LYS A 443 22.07 -16.64 15.71
C LYS A 443 22.51 -15.31 16.27
N GLY A 444 22.22 -14.26 15.50
CA GLY A 444 22.68 -12.93 15.81
C GLY A 444 24.05 -12.64 15.22
N THR A 445 24.53 -13.52 14.35
CA THR A 445 25.81 -13.33 13.68
C THR A 445 25.62 -12.82 12.27
N LEU A 446 26.71 -12.58 11.57
CA LEU A 446 26.64 -12.02 10.23
C LEU A 446 27.02 -13.05 9.17
N THR A 447 26.08 -13.38 8.29
CA THR A 447 26.38 -14.31 7.21
C THR A 447 26.57 -13.57 5.90
N ILE A 448 27.68 -13.83 5.23
CA ILE A 448 28.01 -13.21 3.96
C ILE A 448 28.32 -14.24 2.89
N PHE A 449 27.94 -13.95 1.65
CA PHE A 449 28.38 -14.76 0.53
C PHE A 449 29.56 -14.05 -0.12
N ASP A 450 30.76 -14.55 0.19
CA ASP A 450 31.99 -13.97 -0.29
C ASP A 450 32.26 -14.43 -1.72
N ASN A 451 31.75 -13.68 -2.71
CA ASN A 451 31.83 -14.09 -4.11
C ASN A 451 33.26 -14.35 -4.53
N GLY A 452 34.13 -13.42 -4.16
CA GLY A 452 35.55 -13.62 -4.19
C GLY A 452 36.30 -12.99 -5.33
N ASP A 453 35.62 -12.29 -6.24
CA ASP A 453 36.36 -11.63 -7.29
C ASP A 453 37.23 -10.56 -6.68
N GLY A 454 38.40 -10.35 -7.28
CA GLY A 454 39.36 -9.40 -6.77
C GLY A 454 39.77 -9.69 -5.34
N ARG A 455 39.91 -10.96 -5.00
CA ARG A 455 40.27 -11.32 -3.64
C ARG A 455 41.66 -10.84 -3.29
N HIS A 456 41.82 -10.35 -2.07
CA HIS A 456 43.11 -9.87 -1.60
C HIS A 456 43.54 -8.69 -2.46
N LEU A 457 42.56 -8.00 -3.01
CA LEU A 457 42.79 -6.80 -3.80
C LEU A 457 43.80 -7.06 -4.93
N GLU A 458 43.57 -8.12 -5.69
CA GLU A 458 44.34 -8.38 -6.90
C GLU A 458 43.67 -9.46 -7.73
N GLN A 459 44.06 -9.59 -8.99
CA GLN A 459 43.65 -10.74 -9.78
C GLN A 459 44.71 -11.83 -9.63
N PRO A 460 44.28 -13.09 -9.54
CA PRO A 460 45.27 -14.16 -9.40
C PRO A 460 45.86 -14.56 -10.74
N ALA A 461 47.01 -15.24 -10.71
CA ALA A 461 47.75 -15.63 -11.91
C ALA A 461 46.87 -16.33 -12.93
N LEU A 462 45.88 -17.06 -12.45
CA LEU A 462 44.98 -17.79 -13.33
C LEU A 462 43.54 -17.67 -12.89
N PRO A 463 42.65 -17.36 -13.83
CA PRO A 463 41.22 -17.16 -13.71
C PRO A 463 40.50 -18.22 -12.87
N THR A 464 40.95 -19.47 -13.00
CA THR A 464 40.33 -20.57 -12.28
C THR A 464 40.85 -20.70 -10.87
N MET A 465 41.79 -19.83 -10.49
CA MET A 465 42.37 -19.86 -9.15
C MET A 465 41.45 -19.24 -8.14
N LYS A 466 40.23 -18.97 -8.59
CA LYS A 466 39.25 -18.19 -7.83
C LYS A 466 38.28 -19.06 -7.08
N TYR A 467 37.63 -18.51 -6.05
CA TYR A 467 36.68 -19.29 -5.28
C TYR A 467 35.79 -18.45 -4.37
N SER A 468 34.55 -18.93 -4.19
CA SER A 468 33.59 -18.31 -3.28
C SER A 468 33.56 -19.04 -1.94
N ARG A 469 33.20 -18.35 -0.86
CA ARG A 469 32.96 -18.99 0.42
C ARG A 469 31.55 -18.67 0.94
N PHE A 470 30.95 -19.60 1.67
CA PHE A 470 30.00 -19.21 2.69
C PHE A 470 30.90 -18.83 3.83
N VAL A 471 30.55 -17.80 4.58
CA VAL A 471 31.40 -17.43 5.69
C VAL A 471 30.57 -16.67 6.72
N GLU A 472 30.91 -16.84 7.99
CA GLU A 472 30.14 -16.27 9.08
C GLU A 472 31.07 -15.60 10.06
N TYR A 473 30.64 -14.48 10.63
CA TYR A 473 31.49 -13.68 11.50
C TYR A 473 30.83 -13.35 12.83
N LYS A 474 31.64 -13.31 13.87
CA LYS A 474 31.24 -12.90 15.20
C LYS A 474 31.84 -11.52 15.51
N ILE A 475 31.00 -10.52 15.72
CA ILE A 475 31.49 -9.15 15.83
C ILE A 475 31.23 -8.50 17.18
N ASP A 476 32.31 -8.17 17.89
CA ASP A 476 32.19 -7.43 19.14
C ASP A 476 32.22 -5.96 18.86
N GLU A 477 31.03 -5.37 18.75
CA GLU A 477 30.93 -3.95 18.43
C GLU A 477 31.56 -3.09 19.52
N LYS A 478 31.46 -3.54 20.76
CA LYS A 478 32.12 -2.84 21.86
C LYS A 478 33.63 -2.76 21.65
N LYS A 479 34.25 -3.90 21.32
CA LYS A 479 35.71 -3.97 21.22
C LYS A 479 36.26 -3.57 19.86
N GLY A 480 35.43 -3.68 18.83
CA GLY A 480 35.89 -3.34 17.49
C GLY A 480 36.66 -4.49 16.89
N THR A 481 36.29 -5.70 17.29
CA THR A 481 36.90 -6.90 16.75
C THR A 481 35.89 -7.74 15.99
N VAL A 482 36.40 -8.62 15.14
CA VAL A 482 35.59 -9.48 14.31
C VAL A 482 36.24 -10.86 14.20
N GLN A 483 35.51 -11.89 14.61
CA GLN A 483 36.01 -13.24 14.57
C GLN A 483 35.35 -14.00 13.41
N GLN A 484 36.12 -14.68 12.59
CA GLN A 484 35.53 -15.56 11.59
C GLN A 484 35.22 -16.93 12.22
N VAL A 485 33.96 -17.34 12.12
CA VAL A 485 33.48 -18.44 12.93
C VAL A 485 32.91 -19.61 12.12
N TRP A 486 33.04 -19.55 10.80
CA TRP A 486 32.53 -20.60 9.94
C TRP A 486 32.77 -20.22 8.51
N GLU A 487 33.30 -21.15 7.74
CA GLU A 487 33.40 -20.95 6.32
C GLU A 487 33.05 -22.22 5.60
N TYR A 488 33.00 -22.13 4.28
CA TYR A 488 32.73 -23.27 3.46
C TYR A 488 32.78 -22.90 1.98
N GLY A 489 33.48 -23.71 1.20
CA GLY A 489 33.44 -23.60 -0.25
C GLY A 489 34.78 -23.22 -0.83
N LYS A 490 35.69 -22.86 0.06
CA LYS A 490 37.03 -22.49 -0.33
C LYS A 490 37.69 -23.67 -1.05
N GLU A 491 37.23 -24.87 -0.75
CA GLU A 491 37.84 -26.07 -1.29
C GLU A 491 37.05 -26.75 -2.40
N ARG A 492 36.23 -26.00 -3.14
CA ARG A 492 35.37 -26.66 -4.13
C ARG A 492 35.69 -26.20 -5.53
N GLY A 493 36.45 -25.12 -5.60
CA GLY A 493 37.08 -24.72 -6.83
C GLY A 493 36.20 -23.88 -7.71
N TYR A 494 36.54 -23.85 -8.98
CA TYR A 494 35.92 -23.00 -9.96
C TYR A 494 34.51 -23.47 -10.26
N ASP A 495 34.19 -24.68 -9.82
CA ASP A 495 32.85 -25.24 -9.99
C ASP A 495 31.94 -24.80 -8.85
N PHE A 496 32.48 -23.99 -7.94
CA PHE A 496 31.69 -23.49 -6.82
C PHE A 496 31.88 -21.99 -6.73
N TYR A 497 32.60 -21.44 -7.70
CA TYR A 497 32.85 -20.01 -7.76
C TYR A 497 31.79 -19.27 -8.56
N SER A 498 31.07 -18.40 -7.85
CA SER A 498 30.17 -17.41 -8.44
C SER A 498 30.78 -16.01 -8.35
N PRO A 499 31.14 -15.42 -9.50
CA PRO A 499 31.69 -14.07 -9.45
C PRO A 499 30.71 -13.00 -8.97
N ILE A 500 29.42 -13.21 -9.22
CA ILE A 500 28.41 -12.20 -8.94
C ILE A 500 27.18 -12.79 -8.26
N THR A 501 26.27 -11.91 -7.89
CA THR A 501 25.01 -12.24 -7.24
C THR A 501 25.20 -13.22 -6.08
N SER A 502 24.21 -14.08 -5.83
CA SER A 502 24.32 -15.17 -4.85
C SER A 502 23.92 -14.75 -3.43
N ILE A 503 23.83 -15.73 -2.54
CA ILE A 503 23.26 -15.56 -1.19
C ILE A 503 23.58 -16.74 -0.28
N ILE A 504 23.65 -16.51 1.03
CA ILE A 504 23.55 -17.60 2.00
C ILE A 504 22.61 -17.18 3.11
N GLU A 505 22.19 -18.12 3.93
CA GLU A 505 21.21 -17.83 4.99
C GLU A 505 21.16 -18.95 6.01
N TYR A 506 21.42 -18.65 7.28
CA TYR A 506 21.41 -19.70 8.27
C TYR A 506 20.01 -20.23 8.55
N GLN A 507 19.86 -21.56 8.44
CA GLN A 507 18.61 -22.24 8.68
C GLN A 507 18.62 -22.97 10.03
N ALA A 508 18.14 -22.31 11.07
CA ALA A 508 18.21 -22.86 12.44
C ALA A 508 17.34 -24.10 12.65
N ASP A 509 16.39 -24.34 11.75
CA ASP A 509 15.48 -25.44 11.96
C ASP A 509 16.22 -26.76 11.77
N ARG A 510 17.11 -26.83 10.79
CA ARG A 510 17.84 -28.05 10.53
C ARG A 510 19.34 -27.79 10.58
N ASN A 511 19.71 -26.75 11.32
CA ASN A 511 21.09 -26.37 11.53
C ASN A 511 21.92 -26.46 10.26
N THR A 512 21.41 -25.90 9.18
CA THR A 512 22.12 -25.89 7.92
C THR A 512 22.44 -24.48 7.52
N MET A 513 23.40 -24.32 6.62
CA MET A 513 23.67 -23.05 5.98
C MET A 513 23.16 -23.12 4.55
N PHE A 514 22.03 -22.47 4.28
CA PHE A 514 21.47 -22.42 2.92
C PHE A 514 22.33 -21.48 2.08
N GLY A 515 22.47 -21.82 0.80
CA GLY A 515 23.20 -20.96 -0.12
C GLY A 515 22.71 -21.13 -1.53
N PHE A 516 22.97 -20.14 -2.38
CA PHE A 516 22.69 -20.25 -3.81
C PHE A 516 23.77 -19.51 -4.56
N GLY A 517 24.57 -20.25 -5.31
CA GLY A 517 25.61 -19.67 -6.14
C GLY A 517 25.02 -19.42 -7.50
N GLY A 518 24.92 -18.15 -7.89
CA GLY A 518 24.08 -17.76 -9.00
C GLY A 518 24.72 -17.62 -10.35
N SER A 519 26.04 -17.71 -10.41
CA SER A 519 26.74 -17.49 -11.67
C SER A 519 27.93 -18.42 -11.86
N ILE A 520 27.77 -19.68 -11.45
CA ILE A 520 28.78 -20.69 -11.66
C ILE A 520 28.94 -20.96 -13.14
N HIS A 521 30.17 -20.87 -13.62
CA HIS A 521 30.50 -21.01 -15.03
C HIS A 521 29.93 -19.91 -15.91
N LEU A 522 29.88 -18.70 -15.38
CA LEU A 522 29.33 -17.61 -16.14
C LEU A 522 30.18 -17.42 -17.37
N PHE A 523 31.48 -17.63 -17.21
CA PHE A 523 32.46 -17.27 -18.23
C PHE A 523 32.79 -18.38 -19.22
N ASP A 524 32.16 -19.54 -19.06
CA ASP A 524 32.26 -20.59 -20.07
C ASP A 524 31.43 -20.18 -21.29
N VAL A 525 32.08 -19.48 -22.22
CA VAL A 525 31.38 -18.94 -23.36
C VAL A 525 30.60 -19.97 -24.14
N GLY A 526 29.28 -19.90 -24.05
CA GLY A 526 28.42 -20.75 -24.82
C GLY A 526 27.70 -21.80 -24.00
N GLN A 527 28.03 -21.86 -22.71
CA GLN A 527 27.39 -22.81 -21.83
C GLN A 527 26.36 -22.13 -20.95
N PRO A 528 25.26 -22.83 -20.67
CA PRO A 528 24.28 -22.38 -19.70
C PRO A 528 24.96 -22.00 -18.40
N THR A 529 24.45 -20.99 -17.71
CA THR A 529 24.99 -20.61 -16.42
C THR A 529 24.32 -21.47 -15.36
N VAL A 530 25.07 -21.80 -14.32
CA VAL A 530 24.62 -22.71 -13.29
C VAL A 530 24.23 -22.00 -11.99
N GLY A 531 23.02 -22.27 -11.51
CA GLY A 531 22.56 -21.76 -10.23
C GLY A 531 22.53 -22.93 -9.27
N LYS A 532 23.45 -22.96 -8.32
CA LYS A 532 23.58 -24.11 -7.45
C LYS A 532 22.98 -23.87 -6.08
N LEU A 533 21.89 -24.56 -5.82
CA LEU A 533 21.22 -24.55 -4.53
C LEU A 533 21.87 -25.46 -3.51
N ASN A 534 22.17 -24.94 -2.33
CA ASN A 534 22.81 -25.74 -1.29
C ASN A 534 22.23 -25.55 0.11
N GLU A 535 22.04 -26.66 0.82
CA GLU A 535 21.96 -26.64 2.28
C GLU A 535 23.18 -27.40 2.79
N ILE A 536 24.05 -26.74 3.55
CA ILE A 536 25.28 -27.33 4.04
C ILE A 536 25.18 -27.52 5.54
N ASP A 537 25.45 -28.73 6.03
CA ASP A 537 25.31 -28.97 7.45
C ASP A 537 26.27 -28.06 8.21
N TYR A 538 25.73 -27.36 9.20
CA TYR A 538 26.51 -26.39 9.97
C TYR A 538 27.59 -27.05 10.81
N LYS A 539 27.25 -28.17 11.42
CA LYS A 539 28.15 -28.92 12.30
C LYS A 539 29.22 -29.72 11.54
N THR A 540 28.79 -30.55 10.61
CA THR A 540 29.72 -31.46 9.93
C THR A 540 30.21 -30.96 8.58
N LYS A 541 29.52 -29.97 8.03
CA LYS A 541 29.79 -29.46 6.68
C LYS A 541 29.38 -30.47 5.63
N GLU A 542 28.57 -31.43 6.05
CA GLU A 542 27.99 -32.43 5.15
C GLU A 542 27.02 -31.80 4.19
N VAL A 543 27.09 -32.19 2.92
CA VAL A 543 26.14 -31.70 1.95
C VAL A 543 24.83 -32.41 2.12
N LYS A 544 23.79 -31.66 2.43
CA LYS A 544 22.48 -32.22 2.68
C LYS A 544 21.56 -32.05 1.48
N VAL A 545 21.70 -30.93 0.79
CA VAL A 545 20.99 -30.69 -0.46
C VAL A 545 21.91 -30.04 -1.47
N GLU A 546 21.89 -30.56 -2.69
CA GLU A 546 22.53 -29.90 -3.80
C GLU A 546 21.64 -30.06 -5.00
N ILE A 547 21.26 -28.94 -5.59
CA ILE A 547 20.44 -28.92 -6.79
C ILE A 547 20.93 -27.81 -7.67
N ASP A 548 20.81 -28.00 -8.97
CA ASP A 548 21.38 -27.07 -9.92
C ASP A 548 20.35 -26.61 -10.93
N VAL A 549 20.32 -25.30 -11.14
CA VAL A 549 19.50 -24.69 -12.17
C VAL A 549 20.40 -24.25 -13.31
N LEU A 550 19.97 -24.48 -14.55
CA LEU A 550 20.76 -24.08 -15.71
C LEU A 550 20.02 -23.05 -16.56
N SER A 551 20.69 -21.97 -16.91
CA SER A 551 20.08 -20.88 -17.66
C SER A 551 19.52 -21.37 -18.99
N ASP A 552 18.47 -20.71 -19.49
CA ASP A 552 17.82 -21.13 -20.73
C ASP A 552 18.56 -20.52 -21.90
N LYS A 553 19.43 -19.59 -21.57
CA LYS A 553 20.37 -19.02 -22.53
C LYS A 553 21.77 -19.12 -21.94
N PRO A 554 22.78 -19.25 -22.80
CA PRO A 554 24.18 -19.22 -22.37
C PRO A 554 24.56 -17.96 -21.60
N ASN A 555 25.44 -18.12 -20.61
CA ASN A 555 26.08 -16.99 -19.95
C ASN A 555 25.08 -15.96 -19.46
N GLN A 556 24.00 -16.45 -18.89
CA GLN A 556 22.90 -15.68 -18.40
C GLN A 556 22.76 -15.92 -16.91
N THR A 557 23.30 -15.01 -16.11
CA THR A 557 23.41 -15.21 -14.66
C THR A 557 22.08 -15.31 -13.93
N HIS A 558 22.08 -16.09 -12.86
CA HIS A 558 21.00 -16.11 -11.89
C HIS A 558 21.25 -15.04 -10.84
N TYR A 559 20.21 -14.67 -10.09
CA TYR A 559 20.39 -13.74 -9.00
C TYR A 559 20.33 -14.42 -7.62
N ARG A 560 19.14 -14.69 -7.13
CA ARG A 560 19.03 -15.32 -5.81
C ARG A 560 18.08 -16.49 -5.79
N ALA A 561 18.00 -17.13 -4.64
CA ALA A 561 16.96 -18.10 -4.31
C ALA A 561 16.65 -17.96 -2.84
N LEU A 562 15.47 -18.41 -2.44
CA LEU A 562 15.06 -18.42 -1.04
C LEU A 562 14.60 -19.81 -0.64
N LEU A 563 14.82 -20.14 0.62
CA LEU A 563 14.22 -21.31 1.19
C LEU A 563 12.87 -20.89 1.77
N VAL A 564 11.79 -21.34 1.14
CA VAL A 564 10.46 -20.92 1.50
C VAL A 564 9.68 -22.05 2.20
N ARG A 565 8.78 -21.70 3.11
CA ARG A 565 8.04 -22.70 3.87
C ARG A 565 6.54 -22.45 3.79
N PRO A 566 5.80 -23.39 3.17
CA PRO A 566 4.35 -23.37 2.99
C PRO A 566 3.57 -23.13 4.28
N GLN A 567 4.12 -23.60 5.38
CA GLN A 567 3.47 -23.45 6.66
C GLN A 567 3.31 -21.96 7.03
N GLN A 568 4.04 -21.09 6.34
CA GLN A 568 4.00 -19.65 6.64
C GLN A 568 3.33 -18.84 5.54
N MET A 569 3.17 -19.44 4.38
CA MET A 569 2.71 -18.75 3.20
C MET A 569 1.32 -18.17 3.33
N PHE A 570 0.52 -18.72 4.23
CA PHE A 570 -0.88 -18.34 4.30
C PHE A 570 -1.30 -18.15 5.74
N LYS A 571 -0.98 -16.99 6.32
CA LYS A 571 -1.28 -16.74 7.72
C LYS A 571 -2.81 -16.62 7.92
CA ALA B 1 21.16 18.77 -27.32
C ALA B 1 19.68 18.51 -27.13
N GLY B 2 19.24 18.46 -25.87
CA GLY B 2 17.85 18.26 -25.57
C GLY B 2 17.31 19.37 -24.69
N PHE B 3 16.04 19.28 -24.32
CA PHE B 3 15.33 20.27 -23.52
C PHE B 3 15.71 20.28 -22.05
N LYS B 4 16.19 21.41 -21.56
CA LYS B 4 16.62 21.52 -20.16
C LYS B 4 15.43 21.48 -19.23
N PRO B 5 15.65 21.02 -17.99
CA PRO B 5 14.58 21.09 -16.99
C PRO B 5 14.35 22.53 -16.53
N ALA B 6 13.27 22.79 -15.79
CA ALA B 6 13.05 24.13 -15.27
C ALA B 6 14.28 24.50 -14.47
N PRO B 7 14.74 25.75 -14.62
CA PRO B 7 15.92 26.19 -13.88
C PRO B 7 15.52 26.70 -12.51
N PRO B 8 16.47 26.78 -11.59
CA PRO B 8 16.14 27.19 -10.22
C PRO B 8 15.42 28.55 -10.17
N ALA B 9 14.41 28.65 -9.33
CA ALA B 9 13.64 29.88 -9.25
C ALA B 9 14.35 30.87 -8.33
N GLY B 10 14.78 30.37 -7.18
CA GLY B 10 15.45 31.20 -6.22
C GLY B 10 16.73 30.58 -5.74
N GLN B 11 16.79 30.27 -4.45
CA GLN B 11 18.01 29.77 -3.86
C GLN B 11 18.00 28.25 -3.78
N LEU B 12 16.93 27.64 -4.28
CA LEU B 12 16.80 26.18 -4.30
C LEU B 12 16.54 25.72 -5.73
N GLY B 13 15.62 24.77 -5.91
CA GLY B 13 15.38 24.22 -7.24
C GLY B 13 14.39 25.02 -8.06
N ALA B 14 13.91 24.41 -9.14
CA ALA B 14 12.79 24.96 -9.90
C ALA B 14 11.51 24.89 -9.07
N VAL B 15 10.49 25.62 -9.52
CA VAL B 15 9.15 25.63 -8.89
C VAL B 15 8.12 25.00 -9.82
N ILE B 16 7.65 23.81 -9.44
CA ILE B 16 6.86 22.98 -10.32
C ILE B 16 5.41 23.08 -9.95
N VAL B 17 4.58 23.44 -10.92
CA VAL B 17 3.16 23.52 -10.67
C VAL B 17 2.50 22.16 -10.90
N ASP B 18 1.81 21.68 -9.87
CA ASP B 18 1.09 20.43 -9.94
C ASP B 18 2.03 19.27 -10.25
N PRO B 19 2.92 18.96 -9.31
CA PRO B 19 3.97 17.99 -9.60
C PRO B 19 3.41 16.60 -9.94
N TYR B 20 2.37 16.20 -9.22
CA TYR B 20 1.86 14.86 -9.36
C TYR B 20 0.75 14.76 -10.41
N GLY B 21 0.28 15.90 -10.88
CA GLY B 21 -0.67 15.94 -11.97
C GLY B 21 -2.12 15.84 -11.55
N ASN B 22 -2.36 15.75 -10.24
CA ASN B 22 -3.70 15.59 -9.69
C ASN B 22 -4.18 16.73 -8.79
N ALA B 23 -3.44 17.82 -8.71
CA ALA B 23 -3.81 18.91 -7.80
C ALA B 23 -3.24 20.22 -8.29
N PRO B 24 -3.93 20.85 -9.24
CA PRO B 24 -3.46 22.01 -10.04
C PRO B 24 -3.17 23.29 -9.25
N LEU B 25 -3.68 23.37 -8.02
CA LEU B 25 -3.51 24.55 -7.18
C LEU B 25 -2.45 24.29 -6.13
N THR B 26 -1.47 23.49 -6.50
CA THR B 26 -0.37 23.15 -5.64
C THR B 26 0.91 23.29 -6.43
N ALA B 27 2.03 23.32 -5.73
CA ALA B 27 3.29 23.43 -6.41
C ALA B 27 4.35 22.80 -5.54
N LEU B 28 5.53 22.63 -6.11
CA LEU B 28 6.63 22.04 -5.37
C LEU B 28 7.89 22.81 -5.66
N VAL B 29 8.60 23.19 -4.60
CA VAL B 29 9.90 23.81 -4.78
C VAL B 29 10.93 22.70 -4.76
N ASP B 30 11.52 22.40 -5.90
CA ASP B 30 12.41 21.26 -5.97
C ASP B 30 13.63 21.47 -5.08
N LEU B 31 14.04 20.41 -4.42
CA LEU B 31 15.07 20.51 -3.39
C LEU B 31 16.45 20.80 -3.99
N ASP B 32 16.75 20.19 -5.13
CA ASP B 32 18.04 20.33 -5.81
C ASP B 32 19.25 20.10 -4.90
N SER B 33 19.20 19.06 -4.08
CA SER B 33 20.37 18.59 -3.35
C SER B 33 20.78 19.51 -2.20
N HIS B 34 19.99 20.54 -1.96
CA HIS B 34 20.13 21.36 -0.77
C HIS B 34 19.65 20.61 0.46
N VAL B 35 20.32 20.83 1.58
CA VAL B 35 19.91 20.19 2.82
C VAL B 35 19.40 21.25 3.77
N ILE B 36 18.09 21.28 3.96
CA ILE B 36 17.42 22.36 4.67
C ILE B 36 16.52 21.86 5.81
N SER B 37 16.32 22.67 6.83
CA SER B 37 15.44 22.33 7.94
C SER B 37 14.59 23.54 8.30
N ASP B 38 13.81 23.43 9.37
CA ASP B 38 13.05 24.57 9.82
C ASP B 38 12.26 25.19 8.68
N VAL B 39 11.61 24.36 7.88
CA VAL B 39 10.87 24.88 6.74
C VAL B 39 9.47 25.32 7.13
N LYS B 40 9.06 26.45 6.55
CA LYS B 40 7.71 26.96 6.72
C LYS B 40 7.31 27.67 5.44
N VAL B 41 6.03 27.61 5.11
CA VAL B 41 5.54 28.22 3.88
C VAL B 41 4.36 29.12 4.16
N THR B 42 4.23 30.17 3.36
CA THR B 42 3.14 31.13 3.50
C THR B 42 2.56 31.52 2.15
N VAL B 43 1.30 31.17 1.91
CA VAL B 43 0.66 31.60 0.68
C VAL B 43 -0.19 32.81 0.96
N HIS B 44 0.24 33.95 0.45
CA HIS B 44 -0.43 35.22 0.69
C HIS B 44 -1.86 35.27 0.16
N GLY B 45 -2.74 35.96 0.89
CA GLY B 45 -4.11 36.12 0.47
C GLY B 45 -4.28 36.91 -0.81
N LYS B 46 -5.37 36.65 -1.53
CA LYS B 46 -5.66 37.42 -2.74
C LYS B 46 -6.56 38.59 -2.42
N GLY B 47 -6.26 39.72 -3.02
CA GLY B 47 -7.03 40.93 -2.76
C GLY B 47 -6.98 41.37 -1.31
N GLU B 48 -7.78 42.39 -1.01
CA GLU B 48 -7.87 43.00 0.31
C GLU B 48 -8.16 42.03 1.44
N LYS B 49 -9.26 41.28 1.33
CA LYS B 49 -9.71 40.42 2.41
C LYS B 49 -9.26 38.97 2.26
N GLY B 50 -8.56 38.69 1.17
CA GLY B 50 -8.03 37.37 0.89
C GLY B 50 -7.33 36.71 2.05
N VAL B 51 -7.53 35.40 2.17
CA VAL B 51 -7.03 34.63 3.29
C VAL B 51 -5.62 34.10 3.07
N GLU B 52 -4.71 34.43 3.97
CA GLU B 52 -3.36 33.87 3.92
C GLU B 52 -3.35 32.44 4.45
N ILE B 53 -2.50 31.61 3.86
CA ILE B 53 -2.35 30.23 4.30
C ILE B 53 -0.88 29.98 4.65
N SER B 54 -0.64 29.58 5.88
CA SER B 54 0.70 29.44 6.42
C SER B 54 0.88 28.10 7.12
N TYR B 55 2.03 27.47 6.94
CA TYR B 55 2.26 26.15 7.50
C TYR B 55 3.72 25.69 7.51
N PRO B 56 4.06 24.78 8.45
CA PRO B 56 5.36 24.09 8.54
C PRO B 56 5.45 22.88 7.63
N VAL B 57 6.66 22.51 7.22
CA VAL B 57 6.88 21.34 6.39
C VAL B 57 7.88 20.41 7.05
N GLY B 58 7.46 19.18 7.36
CA GLY B 58 8.26 18.22 8.11
C GLY B 58 9.33 17.54 7.27
N GLN B 59 10.31 16.93 7.92
CA GLN B 59 11.40 16.27 7.19
C GLN B 59 10.91 15.18 6.26
N GLU B 60 10.13 14.24 6.80
CA GLU B 60 9.55 13.13 6.02
C GLU B 60 8.97 13.59 4.72
N SER B 61 8.39 14.79 4.76
CA SER B 61 7.67 15.37 3.63
C SER B 61 8.63 15.96 2.64
N LEU B 62 9.69 16.57 3.16
CA LEU B 62 10.71 17.11 2.29
C LEU B 62 11.35 15.96 1.55
N LYS B 63 11.53 14.85 2.26
CA LYS B 63 12.17 13.64 1.74
C LYS B 63 11.28 12.92 0.74
N THR B 64 10.02 12.82 1.09
CA THR B 64 9.03 12.23 0.22
C THR B 64 8.91 13.00 -1.08
N TYR B 65 8.93 14.31 -0.98
CA TYR B 65 8.67 15.15 -2.12
C TYR B 65 9.95 15.58 -2.80
N ASP B 66 11.05 15.57 -2.05
CA ASP B 66 12.31 16.09 -2.55
C ASP B 66 12.10 17.57 -2.90
N GLY B 67 11.64 18.33 -1.93
CA GLY B 67 11.24 19.70 -2.18
C GLY B 67 10.17 20.18 -1.23
N VAL B 68 9.84 21.46 -1.31
CA VAL B 68 8.84 22.01 -0.40
C VAL B 68 7.47 22.03 -1.05
N PRO B 69 6.51 21.45 -0.35
CA PRO B 69 5.13 21.34 -0.81
C PRO B 69 4.47 22.70 -0.70
N ILE B 70 3.98 23.23 -1.81
CA ILE B 70 3.24 24.48 -1.81
C ILE B 70 1.72 24.25 -1.98
N PHE B 71 0.97 24.48 -0.91
CA PHE B 71 -0.48 24.24 -0.90
C PHE B 71 -1.29 25.50 -0.59
N GLY B 72 -2.40 25.67 -1.30
CA GLY B 72 -3.32 26.75 -1.00
C GLY B 72 -3.37 27.87 -2.02
N LEU B 73 -3.01 27.56 -3.26
CA LEU B 73 -2.98 28.55 -4.34
C LEU B 73 -4.37 28.84 -4.89
N TYR B 74 -4.54 30.04 -5.43
CA TYR B 74 -5.75 30.42 -6.13
C TYR B 74 -5.66 29.93 -7.56
N GLN B 75 -6.79 29.60 -8.16
CA GLN B 75 -6.75 29.24 -9.56
C GLN B 75 -6.42 30.48 -10.38
N LYS B 76 -6.04 30.22 -11.63
CA LYS B 76 -5.61 31.21 -12.61
C LYS B 76 -5.17 32.55 -12.00
N PHE B 77 -4.16 32.48 -11.16
CA PHE B 77 -3.70 33.62 -10.40
C PHE B 77 -2.17 33.68 -10.34
N ALA B 78 -1.64 34.87 -10.08
CA ALA B 78 -0.21 35.05 -9.87
C ALA B 78 0.10 34.98 -8.39
N ASN B 79 0.20 33.78 -7.85
CA ASN B 79 0.22 33.61 -6.40
C ASN B 79 1.55 34.05 -5.83
N LYS B 80 1.50 34.75 -4.71
CA LYS B 80 2.73 35.21 -4.08
C LYS B 80 2.96 34.32 -2.90
N VAL B 81 4.11 33.67 -2.88
CA VAL B 81 4.38 32.65 -1.88
C VAL B 81 5.73 32.89 -1.23
N THR B 82 5.78 32.69 0.08
CA THR B 82 7.01 32.84 0.83
C THR B 82 7.45 31.52 1.48
N VAL B 83 8.64 31.06 1.13
CA VAL B 83 9.19 29.85 1.73
C VAL B 83 10.39 30.21 2.60
N GLU B 84 10.34 29.79 3.85
CA GLU B 84 11.38 30.10 4.81
C GLU B 84 12.03 28.83 5.37
N TRP B 85 13.35 28.76 5.26
CA TRP B 85 14.06 27.62 5.79
C TRP B 85 15.37 27.96 6.47
N LYS B 86 16.09 26.91 6.88
CA LYS B 86 17.41 27.03 7.48
C LYS B 86 18.38 26.24 6.64
N GLU B 87 19.57 26.75 6.42
CA GLU B 87 20.54 26.02 5.63
C GLU B 87 21.94 26.38 6.10
N ASN B 88 22.63 25.40 6.68
CA ASN B 88 23.97 25.63 7.21
C ASN B 88 23.93 26.59 8.37
N GLY B 89 23.01 26.37 9.29
CA GLY B 89 22.87 27.24 10.44
C GLY B 89 22.33 28.62 10.12
N LYS B 90 22.16 28.95 8.84
CA LYS B 90 21.77 30.31 8.44
C LYS B 90 20.33 30.44 7.95
N VAL B 91 19.68 31.51 8.39
CA VAL B 91 18.30 31.82 8.03
C VAL B 91 18.11 32.16 6.56
N MET B 92 17.11 31.56 5.93
CA MET B 92 16.90 31.73 4.50
C MET B 92 15.45 32.08 4.19
N LYS B 93 15.22 32.74 3.06
CA LYS B 93 13.87 33.14 2.65
C LYS B 93 13.82 33.42 1.15
N ASP B 94 12.77 32.92 0.51
CA ASP B 94 12.59 33.13 -0.93
C ASP B 94 11.17 33.56 -1.15
N ASP B 95 10.95 34.38 -2.18
CA ASP B 95 9.61 34.80 -2.54
C ASP B 95 9.35 34.38 -3.96
N TYR B 96 8.23 33.72 -4.20
CA TYR B 96 7.97 33.19 -5.53
C TYR B 96 6.63 33.67 -6.06
N VAL B 97 6.62 34.03 -7.34
CA VAL B 97 5.38 34.34 -8.04
C VAL B 97 4.95 33.06 -8.76
N VAL B 98 4.00 32.33 -8.18
CA VAL B 98 3.62 31.06 -8.75
C VAL B 98 2.32 31.16 -9.52
N HIS B 99 2.40 31.19 -10.83
CA HIS B 99 1.24 31.23 -11.70
C HIS B 99 0.54 29.89 -11.77
N THR B 100 -0.77 29.92 -11.80
CA THR B 100 -1.58 28.71 -11.83
C THR B 100 -2.52 28.76 -13.02
N SER B 101 -3.04 27.61 -13.42
CA SER B 101 -4.01 27.52 -14.50
C SER B 101 -5.39 27.23 -13.96
N ALA B 102 -6.30 26.79 -14.84
CA ALA B 102 -7.71 26.73 -14.52
C ALA B 102 -8.18 25.40 -13.89
N ILE B 103 -9.23 25.51 -13.09
CA ILE B 103 -10.00 24.38 -12.60
C ILE B 103 -11.03 23.98 -13.63
N VAL B 104 -11.05 22.71 -14.02
CA VAL B 104 -12.01 22.25 -15.02
C VAL B 104 -13.06 21.28 -14.48
N ASN B 105 -14.33 21.51 -14.82
CA ASN B 105 -15.32 20.52 -14.54
C ASN B 105 -15.56 19.76 -15.82
N ASN B 106 -15.28 18.45 -15.78
CA ASN B 106 -15.29 17.64 -16.97
C ASN B 106 -16.64 17.01 -17.26
N TYR B 107 -17.64 17.34 -16.43
CA TYR B 107 -18.93 16.68 -16.50
C TYR B 107 -20.05 17.70 -16.53
N MET B 108 -20.33 18.16 -17.74
CA MET B 108 -21.29 19.21 -17.96
C MET B 108 -22.25 18.85 -19.07
N ASP B 109 -23.53 19.18 -18.88
CA ASP B 109 -24.55 19.02 -19.91
C ASP B 109 -25.60 20.14 -19.75
N ASN B 110 -26.82 19.93 -20.25
CA ASN B 110 -27.80 21.00 -20.19
C ASN B 110 -28.43 21.15 -18.81
N ARG B 111 -28.06 20.30 -17.88
CA ARG B 111 -28.51 20.47 -16.52
C ARG B 111 -27.62 21.45 -15.81
N SER B 112 -26.44 21.64 -16.37
CA SER B 112 -25.41 22.45 -15.75
C SER B 112 -25.85 23.91 -15.65
N ILE B 113 -25.83 24.43 -14.43
CA ILE B 113 -26.06 25.84 -14.12
C ILE B 113 -24.88 26.69 -14.57
N SER B 114 -23.71 26.36 -14.04
CA SER B 114 -22.43 26.81 -14.58
C SER B 114 -21.47 25.64 -14.39
N ASP B 115 -20.18 25.83 -14.63
CA ASP B 115 -19.23 24.71 -14.50
C ASP B 115 -18.86 24.41 -13.03
N LEU B 116 -18.54 25.43 -12.25
CA LEU B 116 -18.18 25.23 -10.85
C LEU B 116 -19.32 25.48 -9.87
N GLN B 117 -19.26 24.83 -8.72
CA GLN B 117 -20.25 25.07 -7.69
C GLN B 117 -20.05 26.43 -7.04
N GLN B 118 -21.16 27.14 -6.84
CA GLN B 118 -21.10 28.50 -6.32
C GLN B 118 -21.10 28.50 -4.81
N THR B 119 -20.39 29.47 -4.23
CA THR B 119 -20.32 29.58 -2.78
C THR B 119 -20.90 30.90 -2.29
N LYS B 120 -21.39 30.89 -1.06
CA LYS B 120 -21.99 32.05 -0.42
C LYS B 120 -21.55 32.11 1.02
N VAL B 121 -20.72 33.08 1.36
CA VAL B 121 -20.31 33.20 2.75
C VAL B 121 -21.42 33.92 3.51
N ILE B 122 -21.88 33.32 4.59
CA ILE B 122 -22.99 33.88 5.33
C ILE B 122 -22.52 34.55 6.61
N LYS B 123 -21.75 33.82 7.41
CA LYS B 123 -21.30 34.38 8.69
C LYS B 123 -19.89 33.89 8.91
N VAL B 124 -19.06 34.78 9.44
CA VAL B 124 -17.69 34.42 9.83
C VAL B 124 -17.26 35.31 11.00
N ALA B 125 -17.47 34.83 12.22
CA ALA B 125 -17.08 35.59 13.40
C ALA B 125 -15.58 35.82 13.37
N PRO B 126 -15.11 36.76 14.18
CA PRO B 126 -13.68 37.03 14.26
C PRO B 126 -12.97 35.83 14.86
N GLY B 127 -11.75 35.56 14.44
CA GLY B 127 -11.01 34.42 14.97
C GLY B 127 -11.43 33.08 14.37
N PHE B 128 -12.08 33.15 13.22
CA PHE B 128 -12.52 31.96 12.50
C PHE B 128 -12.28 32.18 11.03
N GLU B 129 -11.57 33.26 10.71
CA GLU B 129 -11.28 33.64 9.33
C GLU B 129 -10.37 32.64 8.62
N ASP B 130 -9.52 31.96 9.38
CA ASP B 130 -8.49 31.13 8.81
C ASP B 130 -8.99 29.76 8.36
N ARG B 131 -10.14 29.34 8.87
CA ARG B 131 -10.62 27.98 8.63
C ARG B 131 -10.67 27.56 7.16
N LEU B 132 -10.30 26.31 6.92
CA LEU B 132 -10.46 25.70 5.62
C LEU B 132 -11.32 24.45 5.74
N TYR B 133 -12.13 24.22 4.72
CA TYR B 133 -13.04 23.10 4.71
C TYR B 133 -12.87 22.36 3.40
N LEU B 134 -12.64 21.06 3.48
CA LEU B 134 -12.55 20.23 2.31
C LEU B 134 -13.94 19.74 1.99
N VAL B 135 -14.46 20.12 0.84
CA VAL B 135 -15.81 19.74 0.46
C VAL B 135 -15.79 18.52 -0.46
N ASN B 136 -16.51 17.49 -0.07
CA ASN B 136 -16.54 16.24 -0.78
C ASN B 136 -17.85 16.12 -1.53
N THR B 137 -17.94 16.69 -2.71
CA THR B 137 -19.20 16.63 -3.42
C THR B 137 -18.96 16.10 -4.81
N HIS B 138 -20.03 16.05 -5.59
CA HIS B 138 -20.06 15.28 -6.81
C HIS B 138 -20.95 15.97 -7.82
N THR B 139 -20.91 15.52 -9.06
CA THR B 139 -21.62 16.18 -10.13
C THR B 139 -22.11 15.14 -11.14
N PHE B 140 -23.37 15.22 -11.56
CA PHE B 140 -23.95 14.21 -12.45
C PHE B 140 -23.18 14.02 -13.73
N THR B 141 -23.12 12.78 -14.16
CA THR B 141 -22.50 12.43 -15.43
C THR B 141 -23.57 12.50 -16.50
N ALA B 142 -23.17 12.69 -17.74
CA ALA B 142 -24.15 12.79 -18.81
C ALA B 142 -24.95 11.50 -18.96
N GLN B 143 -24.30 10.35 -18.84
CA GLN B 143 -24.96 9.05 -19.09
C GLN B 143 -25.72 8.52 -17.88
N GLY B 144 -25.35 8.99 -16.70
CA GLY B 144 -25.93 8.46 -15.48
C GLY B 144 -25.41 7.06 -15.21
N SER B 145 -26.11 6.33 -14.36
CA SER B 145 -25.77 4.94 -14.08
C SER B 145 -25.97 4.04 -15.32
N ASP B 146 -24.87 3.53 -15.87
CA ASP B 146 -24.94 2.75 -17.10
C ASP B 146 -24.51 1.29 -16.88
N LEU B 147 -24.19 0.92 -15.64
CA LEU B 147 -23.67 -0.41 -15.38
C LEU B 147 -24.33 -1.11 -14.21
N HIS B 148 -24.42 -2.43 -14.31
CA HIS B 148 -25.00 -3.32 -13.31
C HIS B 148 -24.12 -4.54 -13.09
N TRP B 149 -24.01 -4.99 -11.84
CA TRP B 149 -23.58 -6.36 -11.61
C TRP B 149 -24.66 -7.34 -12.07
N HIS B 150 -24.25 -8.47 -12.64
CA HIS B 150 -25.17 -9.54 -13.02
C HIS B 150 -25.41 -10.46 -11.82
N GLY B 151 -26.64 -10.90 -11.60
CA GLY B 151 -26.95 -11.70 -10.43
C GLY B 151 -27.35 -13.12 -10.77
N GLU B 152 -28.07 -13.77 -9.86
CA GLU B 152 -28.57 -15.11 -10.14
C GLU B 152 -30.07 -15.11 -10.28
N LYS B 153 -30.55 -15.77 -11.32
CA LYS B 153 -31.98 -15.88 -11.56
C LYS B 153 -32.65 -16.55 -10.37
N ASP B 154 -33.73 -15.96 -9.86
CA ASP B 154 -34.47 -16.57 -8.75
C ASP B 154 -35.54 -17.49 -9.31
N LYS B 155 -36.19 -18.25 -8.44
CA LYS B 155 -37.10 -19.31 -8.88
C LYS B 155 -38.42 -18.77 -9.46
N ASN B 156 -38.75 -17.53 -9.13
CA ASN B 156 -39.94 -16.91 -9.69
C ASN B 156 -39.70 -16.32 -11.08
N ALA B 157 -38.43 -16.31 -11.48
CA ALA B 157 -38.02 -15.67 -12.72
C ALA B 157 -38.56 -16.41 -13.94
N GLY B 158 -38.94 -15.64 -14.94
CA GLY B 158 -39.43 -16.19 -16.19
C GLY B 158 -38.39 -17.09 -16.86
N ILE B 159 -38.87 -18.18 -17.45
CA ILE B 159 -37.98 -19.19 -18.01
C ILE B 159 -37.10 -18.67 -19.15
N LEU B 160 -37.61 -17.70 -19.89
CA LEU B 160 -36.91 -17.17 -21.05
C LEU B 160 -36.10 -15.93 -20.69
N ASP B 161 -36.40 -15.39 -19.51
CA ASP B 161 -35.82 -14.12 -19.09
C ASP B 161 -34.33 -14.21 -18.90
N ALA B 162 -33.66 -13.10 -19.20
CA ALA B 162 -32.26 -12.92 -18.90
C ALA B 162 -32.07 -12.91 -17.38
N GLY B 163 -30.83 -13.07 -16.96
CA GLY B 163 -30.53 -13.09 -15.54
C GLY B 163 -30.78 -11.73 -14.91
N PRO B 164 -30.96 -11.72 -13.59
CA PRO B 164 -31.26 -10.45 -12.92
C PRO B 164 -30.03 -9.60 -12.69
N ALA B 165 -30.23 -8.52 -11.95
CA ALA B 165 -29.14 -7.66 -11.53
C ALA B 165 -28.96 -7.84 -10.04
N THR B 166 -27.88 -7.29 -9.51
CA THR B 166 -27.57 -7.46 -8.11
C THR B 166 -26.66 -6.31 -7.70
N GLY B 167 -26.48 -6.18 -6.39
CA GLY B 167 -25.56 -5.19 -5.86
C GLY B 167 -25.94 -3.74 -6.14
N ALA B 168 -24.93 -2.87 -6.10
CA ALA B 168 -25.16 -1.42 -6.21
C ALA B 168 -24.15 -0.76 -7.13
N LEU B 169 -23.96 -1.33 -8.32
CA LEU B 169 -22.98 -0.81 -9.26
C LEU B 169 -23.38 0.58 -9.79
N PRO B 170 -24.68 0.81 -10.00
CA PRO B 170 -25.14 2.13 -10.46
C PRO B 170 -24.92 3.28 -9.47
N PHE B 171 -24.41 3.01 -8.27
CA PHE B 171 -24.02 4.07 -7.33
C PHE B 171 -22.77 4.74 -7.87
N ASP B 172 -22.95 5.63 -8.84
CA ASP B 172 -21.86 6.03 -9.71
C ASP B 172 -21.97 7.48 -10.18
N ILE B 173 -21.00 8.29 -9.78
CA ILE B 173 -21.04 9.72 -10.02
C ILE B 173 -19.65 10.36 -10.01
N ALA B 174 -19.45 11.38 -10.85
CA ALA B 174 -18.16 12.06 -10.92
C ALA B 174 -17.94 12.91 -9.69
N PRO B 175 -16.69 13.00 -9.22
CA PRO B 175 -16.51 13.77 -7.98
C PRO B 175 -16.38 15.28 -8.25
N PHE B 176 -16.54 16.06 -7.19
CA PHE B 176 -16.31 17.49 -7.23
C PHE B 176 -15.67 17.83 -5.90
N THR B 177 -14.35 17.83 -5.87
CA THR B 177 -13.62 17.84 -4.61
C THR B 177 -12.74 19.08 -4.56
N PHE B 178 -13.02 19.97 -3.61
CA PHE B 178 -12.30 21.23 -3.48
C PHE B 178 -12.21 21.67 -2.03
N ILE B 179 -11.25 22.53 -1.73
CA ILE B 179 -11.18 23.18 -0.42
C ILE B 179 -11.62 24.63 -0.55
N VAL B 180 -12.36 25.13 0.43
CA VAL B 180 -12.84 26.50 0.37
C VAL B 180 -12.41 27.25 1.62
N ASP B 181 -12.08 28.54 1.46
CA ASP B 181 -11.82 29.43 2.60
C ASP B 181 -13.01 30.31 2.93
N THR B 182 -12.90 31.02 4.04
CA THR B 182 -13.97 31.92 4.50
C THR B 182 -14.17 33.17 3.64
N GLU B 183 -13.56 33.21 2.46
CA GLU B 183 -13.87 34.24 1.47
C GLU B 183 -14.60 33.60 0.32
N GLY B 184 -14.85 32.31 0.45
CA GLY B 184 -15.57 31.56 -0.56
C GLY B 184 -14.71 31.15 -1.71
N GLU B 185 -13.40 31.34 -1.56
CA GLU B 185 -12.47 31.01 -2.62
C GLU B 185 -12.07 29.53 -2.55
N TYR B 186 -11.95 28.89 -3.72
CA TYR B 186 -11.31 27.58 -3.78
C TYR B 186 -9.81 27.74 -3.60
N ARG B 187 -9.23 26.97 -2.68
CA ARG B 187 -7.79 26.99 -2.43
C ARG B 187 -7.12 25.63 -2.67
N TRP B 188 -7.88 24.70 -3.25
CA TRP B 188 -7.39 23.35 -3.57
C TRP B 188 -8.40 22.68 -4.47
N TRP B 189 -7.92 21.91 -5.44
CA TRP B 189 -8.80 21.13 -6.30
C TRP B 189 -8.17 19.76 -6.51
N LEU B 190 -8.95 18.69 -6.37
CA LEU B 190 -8.47 17.35 -6.72
C LEU B 190 -8.99 16.95 -8.08
N ASP B 191 -8.09 16.92 -9.05
CA ASP B 191 -8.43 16.57 -10.43
C ASP B 191 -9.43 15.43 -10.50
N GLN B 192 -10.50 15.62 -11.24
CA GLN B 192 -11.53 14.62 -11.35
C GLN B 192 -10.99 13.31 -11.90
N ASP B 193 -10.05 13.44 -12.84
CA ASP B 193 -9.45 12.28 -13.46
C ASP B 193 -8.52 11.52 -12.53
N THR B 194 -8.31 12.02 -11.31
CA THR B 194 -7.50 11.32 -10.33
C THR B 194 -7.99 9.89 -10.07
N PHE B 195 -9.28 9.72 -9.82
CA PHE B 195 -9.84 8.41 -9.48
C PHE B 195 -10.96 7.97 -10.40
N TYR B 196 -11.47 8.90 -11.20
CA TYR B 196 -12.73 8.65 -11.90
C TYR B 196 -12.60 8.88 -13.38
N ASP B 197 -13.25 8.02 -14.15
CA ASP B 197 -13.38 8.18 -15.59
C ASP B 197 -14.79 7.73 -15.89
N GLY B 198 -15.64 8.64 -16.34
CA GLY B 198 -17.04 8.37 -16.50
C GLY B 198 -17.41 8.20 -17.95
N ARG B 199 -16.48 8.50 -18.85
CA ARG B 199 -16.72 8.24 -20.25
C ARG B 199 -16.25 6.83 -20.65
N ASP B 200 -15.22 6.34 -19.99
CA ASP B 200 -14.66 5.02 -20.26
C ASP B 200 -15.35 3.99 -19.39
N ARG B 201 -15.52 2.78 -19.91
CA ARG B 201 -16.19 1.71 -19.16
C ARG B 201 -15.25 0.84 -18.34
N ASP B 202 -14.17 1.40 -17.81
CA ASP B 202 -13.31 0.66 -16.89
C ASP B 202 -13.85 0.84 -15.48
N ILE B 203 -14.52 -0.20 -15.00
CA ILE B 203 -15.18 -0.20 -13.70
C ILE B 203 -14.20 0.06 -12.56
N ASN B 204 -12.93 -0.07 -12.87
CA ASN B 204 -11.88 0.31 -11.95
C ASN B 204 -11.88 1.80 -11.71
N LYS B 205 -12.48 2.54 -12.65
CA LYS B 205 -12.53 4.00 -12.56
C LYS B 205 -13.96 4.52 -12.43
N ARG B 206 -14.73 3.87 -11.59
CA ARG B 206 -16.12 4.20 -11.42
C ARG B 206 -16.47 4.04 -9.96
N GLY B 207 -17.58 4.63 -9.58
CA GLY B 207 -18.02 4.58 -8.21
C GLY B 207 -18.39 5.95 -7.70
N TYR B 208 -18.38 6.08 -6.39
CA TYR B 208 -18.88 7.25 -5.73
C TYR B 208 -17.86 7.67 -4.70
N LEU B 209 -17.04 8.65 -5.03
CA LEU B 209 -15.90 8.97 -4.16
C LEU B 209 -16.30 9.51 -2.80
N MET B 210 -16.08 8.72 -1.75
CA MET B 210 -16.62 9.05 -0.45
C MET B 210 -15.71 8.71 0.69
N GLY B 211 -16.18 8.95 1.90
CA GLY B 211 -15.49 8.53 3.10
C GLY B 211 -14.06 9.00 3.16
N ILE B 212 -13.86 10.29 2.88
CA ILE B 212 -12.56 10.93 2.98
C ILE B 212 -12.23 11.24 4.41
N ARG B 213 -11.20 10.62 4.96
CA ARG B 213 -10.92 10.75 6.37
C ARG B 213 -9.45 10.86 6.61
N GLU B 214 -9.07 11.78 7.49
CA GLU B 214 -7.67 12.04 7.72
C GLU B 214 -7.04 10.81 8.36
N THR B 215 -5.74 10.63 8.13
CA THR B 215 -4.99 9.55 8.75
C THR B 215 -4.03 10.11 9.79
N PRO B 216 -3.33 9.22 10.51
CA PRO B 216 -2.35 9.67 11.51
C PRO B 216 -1.12 10.33 10.88
N ARG B 217 -1.06 10.38 9.55
CA ARG B 217 0.05 11.01 8.87
C ARG B 217 -0.35 12.34 8.25
N GLY B 218 -1.64 12.67 8.36
CA GLY B 218 -2.12 13.92 7.78
C GLY B 218 -2.45 13.71 6.32
N THR B 219 -2.52 12.45 5.94
CA THR B 219 -2.96 12.07 4.61
C THR B 219 -4.43 11.67 4.71
N PHE B 220 -5.02 11.24 3.61
CA PHE B 220 -6.44 10.95 3.63
C PHE B 220 -6.77 9.63 2.97
N THR B 221 -7.63 8.84 3.60
CA THR B 221 -8.10 7.60 3.01
C THR B 221 -9.44 7.85 2.35
N ALA B 222 -9.84 7.00 1.41
CA ALA B 222 -11.07 7.21 0.67
C ALA B 222 -11.49 6.02 -0.17
N VAL B 223 -12.79 5.88 -0.42
CA VAL B 223 -13.31 4.78 -1.22
C VAL B 223 -14.05 5.23 -2.48
N GLN B 224 -13.92 4.44 -3.53
CA GLN B 224 -14.67 4.65 -4.75
C GLN B 224 -14.83 3.34 -5.49
N GLY B 225 -16.08 2.88 -5.58
CA GLY B 225 -16.41 1.65 -6.29
C GLY B 225 -15.75 0.42 -5.69
N GLN B 226 -14.79 -0.14 -6.42
CA GLN B 226 -14.18 -1.41 -6.04
C GLN B 226 -12.72 -1.24 -5.56
N HIS B 227 -12.36 -0.02 -5.19
CA HIS B 227 -11.02 0.28 -4.69
C HIS B 227 -11.09 1.18 -3.47
N TRP B 228 -10.03 1.14 -2.67
CA TRP B 228 -9.85 2.13 -1.62
C TRP B 228 -8.46 2.75 -1.69
N TYR B 229 -8.37 4.02 -1.30
CA TYR B 229 -7.18 4.81 -1.59
C TYR B 229 -6.63 5.60 -0.41
N GLU B 230 -5.45 6.15 -0.63
CA GLU B 230 -4.86 7.12 0.24
C GLU B 230 -4.20 8.14 -0.65
N PHE B 231 -4.34 9.41 -0.29
CA PHE B 231 -3.74 10.50 -1.06
C PHE B 231 -3.28 11.57 -0.10
N ASP B 232 -2.51 12.51 -0.61
CA ASP B 232 -2.12 13.67 0.17
C ASP B 232 -2.50 14.98 -0.53
N MET B 233 -2.19 16.08 0.12
CA MET B 233 -2.62 17.38 -0.37
C MET B 233 -1.78 17.89 -1.55
N MET B 234 -0.75 17.13 -1.93
CA MET B 234 -0.03 17.43 -3.15
C MET B 234 -0.62 16.68 -4.34
N GLY B 235 -1.65 15.89 -4.07
CA GLY B 235 -2.30 15.07 -5.09
C GLY B 235 -1.61 13.74 -5.39
N GLN B 236 -0.75 13.31 -4.47
CA GLN B 236 -0.03 12.06 -4.62
C GLN B 236 -0.87 10.88 -4.14
N VAL B 237 -1.20 9.98 -5.05
CA VAL B 237 -1.88 8.75 -4.69
C VAL B 237 -0.89 7.83 -3.97
N LEU B 238 -1.04 7.74 -2.66
CA LEU B 238 -0.14 6.95 -1.85
C LEU B 238 -0.50 5.47 -1.86
N GLU B 239 -1.80 5.16 -1.86
CA GLU B 239 -2.29 3.80 -1.94
C GLU B 239 -3.40 3.67 -2.97
N ASP B 240 -3.41 2.52 -3.64
CA ASP B 240 -4.51 2.14 -4.52
C ASP B 240 -4.69 0.64 -4.43
N HIS B 241 -5.73 0.24 -3.73
CA HIS B 241 -6.03 -1.16 -3.46
C HIS B 241 -7.36 -1.59 -4.04
N LYS B 242 -7.33 -2.63 -4.86
CA LYS B 242 -8.57 -3.32 -5.22
C LYS B 242 -9.18 -3.91 -3.95
N LEU B 243 -10.51 -3.97 -3.89
CA LEU B 243 -11.19 -4.66 -2.80
C LEU B 243 -10.87 -6.15 -2.82
N PRO B 244 -10.78 -6.80 -1.63
CA PRO B 244 -10.59 -8.25 -1.62
C PRO B 244 -11.73 -9.00 -2.33
N ARG B 245 -11.39 -10.05 -3.06
CA ARG B 245 -12.24 -10.66 -4.08
C ARG B 245 -13.62 -11.04 -3.57
N GLY B 246 -13.73 -11.24 -2.27
CA GLY B 246 -15.03 -11.55 -1.70
C GLY B 246 -16.01 -10.39 -1.75
N PHE B 247 -15.49 -9.16 -1.73
CA PHE B 247 -16.30 -7.98 -1.45
C PHE B 247 -16.40 -6.98 -2.57
N ALA B 248 -17.43 -6.14 -2.49
CA ALA B 248 -17.72 -5.17 -3.52
C ALA B 248 -18.53 -4.00 -2.97
N ASP B 249 -18.60 -2.94 -3.77
CA ASP B 249 -19.42 -1.77 -3.49
C ASP B 249 -19.03 -1.09 -2.16
N ALA B 250 -17.83 -0.53 -2.14
CA ALA B 250 -17.37 0.24 -0.99
C ALA B 250 -17.88 1.68 -1.07
N THR B 251 -18.55 2.12 0.00
CA THR B 251 -19.17 3.43 -0.03
C THR B 251 -19.12 4.07 1.34
N HIS B 252 -19.30 5.39 1.35
CA HIS B 252 -19.65 6.16 2.56
C HIS B 252 -18.53 6.43 3.54
N GLU B 253 -17.64 5.47 3.76
CA GLU B 253 -16.67 5.65 4.81
C GLU B 253 -15.43 4.79 4.65
N SER B 254 -14.31 5.37 5.08
CA SER B 254 -13.05 4.67 5.22
C SER B 254 -12.28 5.37 6.30
N ILE B 255 -11.94 4.67 7.37
CA ILE B 255 -11.21 5.30 8.45
C ILE B 255 -10.07 4.41 8.92
N GLU B 256 -8.89 5.00 9.04
CA GLU B 256 -7.71 4.28 9.50
C GLU B 256 -7.74 4.18 11.00
N THR B 257 -7.18 3.10 11.54
CA THR B 257 -7.15 2.91 12.98
C THR B 257 -5.72 3.09 13.52
N PRO B 258 -5.57 3.14 14.85
CA PRO B 258 -4.24 3.33 15.46
C PRO B 258 -3.31 2.17 15.15
N ASN B 259 -3.89 1.12 14.59
CA ASN B 259 -3.17 -0.11 14.35
C ASN B 259 -2.83 -0.25 12.87
N GLY B 260 -2.92 0.84 12.13
CA GLY B 260 -2.51 0.83 10.74
C GLY B 260 -3.56 0.28 9.80
N THR B 261 -4.48 -0.52 10.32
CA THR B 261 -5.56 -1.03 9.48
C THR B 261 -6.56 0.05 9.10
N VAL B 262 -7.47 -0.30 8.22
CA VAL B 262 -8.46 0.63 7.72
C VAL B 262 -9.80 -0.04 7.70
N LEU B 263 -10.80 0.62 8.25
CA LEU B 263 -12.14 0.08 8.24
C LEU B 263 -12.89 0.52 6.99
N LEU B 264 -13.60 -0.41 6.38
CA LEU B 264 -14.34 -0.09 5.18
C LEU B 264 -15.76 -0.61 5.28
N ARG B 265 -16.64 0.04 4.53
CA ARG B 265 -18.03 -0.32 4.45
C ARG B 265 -18.25 -0.86 3.06
N VAL B 266 -18.58 -2.15 2.99
CA VAL B 266 -18.73 -2.85 1.73
C VAL B 266 -19.96 -3.72 1.71
N GLY B 267 -20.15 -4.41 0.59
CA GLY B 267 -21.15 -5.46 0.47
C GLY B 267 -20.44 -6.74 0.12
N LYS B 268 -21.17 -7.85 0.14
CA LYS B 268 -20.63 -9.16 -0.16
C LYS B 268 -21.09 -9.61 -1.53
N SER B 269 -20.14 -9.95 -2.38
CA SER B 269 -20.46 -10.54 -3.67
C SER B 269 -20.63 -12.06 -3.54
N ASN B 270 -21.57 -12.61 -4.30
CA ASN B 270 -21.86 -14.04 -4.29
C ASN B 270 -22.16 -14.57 -2.90
N TYR B 271 -22.95 -13.78 -2.18
CA TYR B 271 -23.52 -14.14 -0.90
C TYR B 271 -24.64 -15.15 -1.10
N ARG B 272 -24.40 -16.37 -0.62
CA ARG B 272 -25.36 -17.46 -0.72
C ARG B 272 -26.42 -17.32 0.38
N ARG B 273 -27.64 -16.98 -0.03
CA ARG B 273 -28.75 -16.85 0.91
C ARG B 273 -29.19 -18.22 1.38
N ASP B 274 -29.92 -18.25 2.49
CA ASP B 274 -30.51 -19.48 2.98
C ASP B 274 -31.35 -20.13 1.90
N ASP B 275 -31.92 -19.34 0.99
CA ASP B 275 -32.72 -19.93 -0.09
C ASP B 275 -31.82 -20.32 -1.25
N GLY B 276 -30.53 -20.03 -1.08
CA GLY B 276 -29.53 -20.47 -2.03
C GLY B 276 -29.47 -19.64 -3.30
N VAL B 277 -30.10 -18.47 -3.29
CA VAL B 277 -29.85 -17.56 -4.39
C VAL B 277 -28.64 -16.74 -3.98
N HIS B 278 -27.76 -16.48 -4.94
CA HIS B 278 -26.58 -15.69 -4.69
C HIS B 278 -26.86 -14.24 -5.03
N VAL B 279 -26.52 -13.36 -4.10
CA VAL B 279 -26.66 -11.93 -4.34
C VAL B 279 -25.39 -11.21 -3.96
N THR B 280 -25.24 -9.98 -4.44
CA THR B 280 -24.33 -9.05 -3.80
C THR B 280 -25.12 -8.26 -2.76
N THR B 281 -24.71 -8.33 -1.49
CA THR B 281 -25.46 -7.65 -0.43
C THR B 281 -25.16 -6.16 -0.42
N ILE B 282 -26.10 -5.41 0.12
CA ILE B 282 -26.10 -3.95 0.09
C ILE B 282 -25.70 -3.36 1.42
N ARG B 283 -24.51 -2.77 1.48
CA ARG B 283 -24.11 -1.89 2.57
C ARG B 283 -24.28 -2.48 3.95
N ASP B 284 -23.90 -3.74 4.11
CA ASP B 284 -24.09 -4.41 5.40
C ASP B 284 -22.89 -5.24 5.86
N HIS B 285 -21.72 -4.99 5.28
CA HIS B 285 -20.51 -5.68 5.71
C HIS B 285 -19.40 -4.69 6.07
N ILE B 286 -18.64 -5.05 7.09
CA ILE B 286 -17.54 -4.21 7.54
C ILE B 286 -16.23 -4.96 7.40
N LEU B 287 -15.28 -4.34 6.71
CA LEU B 287 -13.95 -4.87 6.55
C LEU B 287 -12.97 -4.18 7.47
N GLU B 288 -11.94 -4.92 7.87
CA GLU B 288 -10.74 -4.35 8.43
C GLU B 288 -9.57 -4.88 7.64
N VAL B 289 -9.03 -4.05 6.77
CA VAL B 289 -7.91 -4.45 5.94
C VAL B 289 -6.62 -3.82 6.45
N ASP B 290 -5.48 -4.34 5.99
CA ASP B 290 -4.20 -3.69 6.24
C ASP B 290 -3.71 -3.05 4.94
N LYS B 291 -2.55 -2.42 4.99
CA LYS B 291 -2.05 -1.66 3.85
C LYS B 291 -1.47 -2.56 2.76
N SER B 292 -1.48 -3.87 2.98
CA SER B 292 -1.24 -4.85 1.93
C SER B 292 -2.54 -5.19 1.26
N GLY B 293 -3.62 -4.66 1.82
CA GLY B 293 -4.95 -4.84 1.27
C GLY B 293 -5.61 -6.14 1.68
N ARG B 294 -5.07 -6.81 2.69
CA ARG B 294 -5.59 -8.10 3.09
C ARG B 294 -6.62 -7.91 4.16
N VAL B 295 -7.61 -8.80 4.19
CA VAL B 295 -8.67 -8.77 5.17
C VAL B 295 -8.16 -9.25 6.52
N VAL B 296 -8.15 -8.35 7.49
CA VAL B 296 -7.72 -8.66 8.85
C VAL B 296 -8.92 -9.17 9.64
N ASP B 297 -10.09 -8.58 9.40
CA ASP B 297 -11.34 -9.07 9.97
C ASP B 297 -12.57 -8.61 9.20
N VAL B 298 -13.71 -9.24 9.47
CA VAL B 298 -14.94 -8.87 8.78
C VAL B 298 -16.20 -9.04 9.61
N TRP B 299 -17.09 -8.07 9.49
CA TRP B 299 -18.38 -8.13 10.16
C TRP B 299 -19.46 -8.33 9.11
N ASP B 300 -20.07 -9.51 9.11
CA ASP B 300 -21.30 -9.80 8.37
C ASP B 300 -22.50 -9.35 9.20
N LEU B 301 -23.00 -8.16 8.93
CA LEU B 301 -24.08 -7.58 9.72
C LEU B 301 -25.39 -8.32 9.55
N THR B 302 -25.50 -9.14 8.52
CA THR B 302 -26.72 -9.89 8.30
C THR B 302 -26.83 -11.05 9.29
N LYS B 303 -25.78 -11.27 10.08
CA LYS B 303 -25.81 -12.30 11.08
C LYS B 303 -25.72 -11.65 12.45
N ILE B 304 -25.30 -10.40 12.49
CA ILE B 304 -25.14 -9.71 13.74
C ILE B 304 -26.37 -8.91 14.12
N LEU B 305 -27.03 -8.33 13.13
CA LEU B 305 -28.22 -7.57 13.39
C LEU B 305 -29.48 -8.27 12.88
N ASP B 306 -30.57 -7.53 12.85
CA ASP B 306 -31.85 -8.03 12.40
C ASP B 306 -32.20 -7.43 11.05
N PRO B 307 -31.92 -8.17 9.99
CA PRO B 307 -32.18 -7.80 8.59
C PRO B 307 -33.64 -7.82 8.25
N LYS B 308 -34.50 -8.19 9.21
CA LYS B 308 -35.93 -8.24 8.97
C LYS B 308 -36.67 -7.15 9.74
N ARG B 309 -35.94 -6.36 10.52
CA ARG B 309 -36.53 -5.24 11.26
C ARG B 309 -36.89 -4.06 10.36
N ASP B 310 -38.18 -3.76 10.29
CA ASP B 310 -38.67 -2.77 9.35
C ASP B 310 -39.38 -1.60 10.01
N ALA B 311 -39.22 -1.44 11.32
CA ALA B 311 -39.91 -0.37 12.03
C ALA B 311 -39.58 0.98 11.42
N LEU B 312 -38.34 1.18 11.02
CA LEU B 312 -37.96 2.43 10.38
C LEU B 312 -38.06 2.34 8.87
N LEU B 313 -37.72 1.18 8.33
CA LEU B 313 -37.76 0.93 6.89
C LEU B 313 -39.08 1.29 6.23
N GLY B 314 -40.16 1.16 6.98
CA GLY B 314 -41.49 1.37 6.42
C GLY B 314 -42.01 2.78 6.65
N ALA B 315 -41.23 3.59 7.35
CA ALA B 315 -41.66 4.92 7.74
C ALA B 315 -40.83 6.00 7.09
N LEU B 316 -40.33 5.73 5.88
CA LEU B 316 -39.34 6.59 5.25
C LEU B 316 -39.88 7.33 4.03
N ASP B 317 -39.20 8.40 3.63
CA ASP B 317 -39.56 9.18 2.44
C ASP B 317 -39.09 8.45 1.19
N ALA B 318 -39.99 8.37 0.20
CA ALA B 318 -39.66 7.78 -1.07
C ALA B 318 -38.71 8.66 -1.90
N GLY B 319 -38.76 9.96 -1.68
CA GLY B 319 -37.95 10.90 -2.42
C GLY B 319 -36.46 10.62 -2.30
N ALA B 320 -36.06 10.04 -1.18
CA ALA B 320 -34.65 9.73 -0.92
C ALA B 320 -34.22 8.39 -1.56
N ALA B 328 -39.41 13.38 -7.48
CA ALA B 328 -39.91 12.09 -7.93
C ALA B 328 -41.25 11.75 -7.27
N HIS B 329 -41.25 10.70 -6.45
CA HIS B 329 -42.38 10.37 -5.59
C HIS B 329 -42.07 10.88 -4.18
N ALA B 330 -41.51 12.09 -4.12
CA ALA B 330 -41.04 12.65 -2.86
C ALA B 330 -42.18 12.96 -1.91
N GLY B 331 -41.87 12.97 -0.62
CA GLY B 331 -42.86 13.26 0.40
C GLY B 331 -43.55 11.99 0.85
N GLN B 332 -43.88 11.15 -0.12
CA GLN B 332 -44.65 9.93 0.12
C GLN B 332 -43.89 8.93 1.00
N GLN B 333 -44.62 8.20 1.83
CA GLN B 333 -44.03 7.20 2.72
C GLN B 333 -43.82 5.89 2.00
N ALA B 334 -42.69 5.23 2.30
CA ALA B 334 -42.25 4.01 1.63
C ALA B 334 -43.11 2.81 1.98
N LYS B 335 -43.60 2.12 0.96
CA LYS B 335 -44.43 0.95 1.17
C LYS B 335 -43.72 -0.32 0.72
N LEU B 336 -43.32 -1.13 1.68
CA LEU B 336 -42.50 -2.30 1.42
C LEU B 336 -43.27 -3.44 0.76
N GLU B 337 -42.77 -3.90 -0.37
CA GLU B 337 -43.31 -5.09 -1.00
C GLU B 337 -42.39 -6.28 -0.76
N PRO B 338 -42.97 -7.44 -0.42
CA PRO B 338 -42.18 -8.64 -0.17
C PRO B 338 -41.38 -9.09 -1.39
N ASP B 339 -41.90 -8.81 -2.58
CA ASP B 339 -41.28 -9.29 -3.80
C ASP B 339 -40.38 -8.27 -4.46
N THR B 340 -39.94 -7.28 -3.69
CA THR B 340 -38.94 -6.32 -4.17
C THR B 340 -37.73 -7.09 -4.66
N PRO B 341 -37.40 -6.93 -5.95
CA PRO B 341 -36.25 -7.59 -6.55
C PRO B 341 -34.97 -7.20 -5.83
N PHE B 342 -34.10 -8.17 -5.59
CA PHE B 342 -32.86 -7.89 -4.88
C PHE B 342 -32.11 -6.78 -5.60
N GLY B 343 -31.52 -5.88 -4.82
CA GLY B 343 -30.78 -4.77 -5.39
C GLY B 343 -30.62 -3.63 -4.41
N ASP B 344 -30.28 -2.46 -4.94
CA ASP B 344 -30.17 -1.27 -4.11
C ASP B 344 -31.56 -0.67 -3.97
N ALA B 345 -32.45 -1.43 -3.35
CA ALA B 345 -33.83 -1.01 -3.14
C ALA B 345 -34.21 -1.21 -1.69
N LEU B 346 -35.06 -0.31 -1.19
CA LEU B 346 -35.55 -0.38 0.18
C LEU B 346 -36.26 -1.67 0.50
N GLY B 347 -35.78 -2.36 1.53
CA GLY B 347 -36.45 -3.57 1.92
C GLY B 347 -35.73 -4.41 2.94
N VAL B 348 -36.31 -5.57 3.17
CA VAL B 348 -35.88 -6.49 4.20
C VAL B 348 -34.93 -7.55 3.61
N GLY B 349 -34.03 -8.05 4.44
CA GLY B 349 -33.23 -9.20 4.08
C GLY B 349 -31.92 -8.91 3.37
N PRO B 350 -31.01 -9.90 3.34
CA PRO B 350 -29.75 -9.86 2.61
C PRO B 350 -29.97 -9.71 1.12
N GLY B 351 -29.43 -8.67 0.50
CA GLY B 351 -29.64 -8.44 -0.91
C GLY B 351 -30.55 -7.26 -1.14
N ARG B 352 -31.02 -6.68 -0.04
CA ARG B 352 -31.78 -5.43 -0.05
C ARG B 352 -31.18 -4.49 0.95
N ASN B 353 -31.54 -3.22 0.85
CA ASN B 353 -30.95 -2.18 1.68
C ASN B 353 -31.61 -2.12 3.04
N TRP B 354 -31.46 -3.19 3.80
CA TRP B 354 -32.09 -3.27 5.11
C TRP B 354 -31.33 -2.47 6.14
N ALA B 355 -30.07 -2.15 5.83
CA ALA B 355 -29.18 -1.59 6.84
C ALA B 355 -28.68 -0.20 6.49
N HIS B 356 -28.21 -0.06 5.26
CA HIS B 356 -27.55 1.16 4.78
C HIS B 356 -26.63 1.74 5.85
N VAL B 357 -25.56 1.02 6.19
CA VAL B 357 -24.57 1.55 7.10
C VAL B 357 -23.76 2.62 6.39
N ASN B 358 -23.46 3.70 7.10
CA ASN B 358 -22.90 4.87 6.46
C ASN B 358 -21.89 5.59 7.33
N SER B 359 -21.53 4.97 8.44
CA SER B 359 -20.47 5.50 9.31
C SER B 359 -19.81 4.36 10.07
N ILE B 360 -18.51 4.48 10.30
CA ILE B 360 -17.77 3.59 11.18
C ILE B 360 -16.98 4.40 12.17
N ALA B 361 -17.02 4.01 13.43
CA ALA B 361 -16.12 4.59 14.40
C ALA B 361 -15.37 3.45 15.09
N TYR B 362 -14.06 3.60 15.27
CA TYR B 362 -13.28 2.60 16.01
C TYR B 362 -13.10 3.03 17.45
N ASP B 363 -13.49 2.16 18.37
CA ASP B 363 -13.30 2.43 19.78
C ASP B 363 -12.06 1.72 20.27
N ALA B 364 -10.98 2.48 20.37
CA ALA B 364 -9.71 1.94 20.80
C ALA B 364 -9.81 1.34 22.20
N LYS B 365 -10.70 1.86 23.02
CA LYS B 365 -10.70 1.50 24.44
C LYS B 365 -11.00 0.01 24.64
N ASP B 366 -11.74 -0.59 23.71
CA ASP B 366 -12.12 -2.01 23.85
C ASP B 366 -12.09 -2.82 22.54
N ASP B 367 -11.51 -2.26 21.48
CA ASP B 367 -11.43 -2.94 20.19
C ASP B 367 -12.82 -3.29 19.68
N SER B 368 -13.64 -2.26 19.52
CA SER B 368 -14.98 -2.43 19.01
C SER B 368 -15.24 -1.37 17.97
N ILE B 369 -16.25 -1.58 17.13
CA ILE B 369 -16.63 -0.60 16.13
C ILE B 369 -18.04 -0.08 16.37
N ILE B 370 -18.22 1.22 16.15
CA ILE B 370 -19.52 1.85 16.22
C ILE B 370 -19.98 2.15 14.81
N LEU B 371 -21.21 1.81 14.53
CA LEU B 371 -21.73 1.92 13.18
C LEU B 371 -22.98 2.73 13.18
N SER B 372 -23.17 3.51 12.12
CA SER B 372 -24.45 4.14 11.85
C SER B 372 -25.19 3.37 10.78
N SER B 373 -26.32 2.78 11.17
CA SER B 373 -27.22 2.21 10.18
C SER B 373 -28.36 3.20 9.98
N ARG B 374 -28.43 3.75 8.78
CA ARG B 374 -29.46 4.73 8.45
C ARG B 374 -30.84 4.17 8.72
N HIS B 375 -31.00 2.87 8.54
CA HIS B 375 -32.32 2.28 8.54
C HIS B 375 -32.60 1.42 9.75
N GLN B 376 -31.65 1.36 10.68
CA GLN B 376 -31.87 0.60 11.90
C GLN B 376 -31.47 1.42 13.14
N GLY B 377 -30.46 2.27 13.00
CA GLY B 377 -29.98 3.06 14.10
C GLY B 377 -28.46 3.04 14.31
N VAL B 378 -28.04 3.22 15.56
CA VAL B 378 -26.63 3.21 15.90
C VAL B 378 -26.34 2.07 16.87
N VAL B 379 -25.36 1.24 16.49
CA VAL B 379 -25.01 0.07 17.27
C VAL B 379 -23.52 -0.06 17.52
N LYS B 380 -23.17 -0.67 18.63
CA LYS B 380 -21.77 -1.03 18.85
C LYS B 380 -21.63 -2.54 18.82
N ILE B 381 -20.76 -3.00 17.92
CA ILE B 381 -20.44 -4.42 17.81
C ILE B 381 -19.02 -4.64 18.30
N GLY B 382 -18.77 -5.76 18.97
CA GLY B 382 -17.47 -6.01 19.56
C GLY B 382 -16.51 -6.68 18.58
N ARG B 383 -15.25 -6.80 18.97
CA ARG B 383 -14.31 -7.63 18.24
C ARG B 383 -14.87 -9.04 18.16
N ASP B 384 -15.60 -9.44 19.20
CA ASP B 384 -16.22 -10.76 19.27
C ASP B 384 -17.48 -10.88 18.45
N LYS B 385 -17.78 -9.87 17.65
CA LYS B 385 -18.95 -9.87 16.77
C LYS B 385 -20.28 -9.91 17.52
N GLN B 386 -20.27 -9.65 18.82
CA GLN B 386 -21.49 -9.56 19.64
CA GLN B 386 -21.53 -9.58 19.56
C GLN B 386 -21.95 -8.12 19.73
N VAL B 387 -23.25 -7.86 19.59
CA VAL B 387 -23.76 -6.50 19.80
C VAL B 387 -23.55 -6.11 21.25
N LYS B 388 -23.19 -4.86 21.47
CA LYS B 388 -22.91 -4.38 22.82
C LYS B 388 -24.03 -3.48 23.30
N TRP B 389 -24.32 -2.43 22.56
CA TRP B 389 -25.51 -1.62 22.82
C TRP B 389 -26.16 -1.16 21.53
N ILE B 390 -27.44 -0.83 21.63
CA ILE B 390 -28.14 -0.21 20.52
C ILE B 390 -28.76 1.10 20.95
N LEU B 391 -28.54 2.14 20.15
CA LEU B 391 -29.21 3.41 20.31
C LEU B 391 -30.24 3.57 19.22
N ALA B 392 -31.50 3.30 19.54
CA ALA B 392 -32.57 3.39 18.56
C ALA B 392 -33.91 3.22 19.28
N PRO B 393 -35.01 3.67 18.65
CA PRO B 393 -36.32 3.38 19.19
C PRO B 393 -36.52 1.87 19.35
N SER B 394 -37.39 1.47 20.28
CA SER B 394 -37.49 0.09 20.70
C SER B 394 -38.36 -0.77 19.80
N LYS B 395 -39.20 -0.14 18.99
CA LYS B 395 -40.12 -0.89 18.13
C LYS B 395 -39.43 -1.82 17.14
N GLY B 396 -39.87 -3.06 17.09
CA GLY B 396 -39.40 -4.00 16.09
C GLY B 396 -38.27 -4.94 16.49
N TRP B 397 -37.55 -4.60 17.55
CA TRP B 397 -36.40 -5.37 18.03
C TRP B 397 -36.82 -6.63 18.78
N GLU B 398 -36.31 -7.78 18.38
CA GLU B 398 -36.52 -9.02 19.11
C GLU B 398 -35.38 -9.27 20.08
N LYS B 399 -35.63 -10.05 21.13
CA LYS B 399 -34.52 -10.54 21.90
C LYS B 399 -33.72 -11.46 20.98
N PRO B 400 -32.40 -11.55 21.18
CA PRO B 400 -31.63 -10.96 22.28
C PRO B 400 -31.18 -9.53 22.03
N LEU B 401 -31.60 -8.94 20.92
CA LEU B 401 -31.13 -7.60 20.53
C LEU B 401 -31.76 -6.51 21.38
N ALA B 402 -33.05 -6.67 21.67
CA ALA B 402 -33.79 -5.66 22.39
C ALA B 402 -33.18 -5.38 23.76
N SER B 403 -32.60 -6.42 24.37
CA SER B 403 -32.00 -6.27 25.69
C SER B 403 -30.73 -5.45 25.63
N LYS B 404 -30.38 -4.98 24.43
CA LYS B 404 -29.14 -4.23 24.21
C LYS B 404 -29.40 -2.73 24.16
N LEU B 405 -30.66 -2.37 23.92
CA LEU B 405 -31.06 -0.99 23.81
C LEU B 405 -30.65 -0.16 25.00
N LEU B 406 -30.14 1.03 24.73
CA LEU B 406 -29.75 1.95 25.77
C LEU B 406 -30.98 2.68 26.30
N LYS B 407 -31.01 2.91 27.61
CA LYS B 407 -32.18 3.51 28.21
C LYS B 407 -31.90 4.97 28.56
N PRO B 408 -32.67 5.88 27.95
CA PRO B 408 -32.49 7.33 28.11
C PRO B 408 -32.59 7.75 29.56
N VAL B 409 -31.78 8.73 29.96
CA VAL B 409 -31.82 9.25 31.32
C VAL B 409 -31.56 10.75 31.28
N ASP B 410 -32.05 11.48 32.30
CA ASP B 410 -31.77 12.91 32.39
C ASP B 410 -30.38 13.17 32.93
N ALA B 411 -30.08 14.44 33.18
CA ALA B 411 -28.79 14.83 33.73
C ALA B 411 -28.54 14.21 35.10
N ASN B 412 -29.62 13.79 35.77
CA ASN B 412 -29.53 13.21 37.10
C ASN B 412 -29.43 11.70 37.10
N GLY B 413 -29.63 11.10 35.94
CA GLY B 413 -29.62 9.65 35.86
C GLY B 413 -31.00 9.07 36.09
N LYS B 414 -31.99 9.94 36.21
CA LYS B 414 -33.37 9.52 36.24
C LYS B 414 -33.80 9.13 34.84
N PRO B 415 -34.52 8.01 34.73
CA PRO B 415 -35.03 7.50 33.45
C PRO B 415 -35.89 8.53 32.73
N ILE B 416 -35.93 8.46 31.40
CA ILE B 416 -36.79 9.33 30.61
C ILE B 416 -37.81 8.47 29.89
N THR B 417 -39.05 8.92 29.78
CA THR B 417 -40.10 8.09 29.22
C THR B 417 -40.34 8.31 27.75
N CYS B 418 -40.09 7.28 26.95
CA CYS B 418 -40.32 7.36 25.51
C CYS B 418 -41.12 6.18 25.07
N ASN B 419 -41.95 6.37 24.05
CA ASN B 419 -42.79 5.29 23.56
C ASN B 419 -41.98 4.50 22.57
N GLU B 420 -42.56 3.41 22.07
CA GLU B 420 -41.81 2.51 21.22
C GLU B 420 -41.34 3.19 19.93
N ASN B 421 -41.80 4.41 19.67
CA ASN B 421 -41.44 5.09 18.43
C ASN B 421 -40.32 6.10 18.57
N GLY B 422 -39.78 6.25 19.77
CA GLY B 422 -38.71 7.18 20.01
C GLY B 422 -39.17 8.51 20.59
N LEU B 423 -40.48 8.72 20.60
CA LEU B 423 -41.05 9.96 21.11
C LEU B 423 -41.04 9.95 22.63
N CYS B 424 -40.35 10.91 23.22
CA CYS B 424 -40.18 10.94 24.67
C CYS B 424 -41.11 11.96 25.34
N GLU B 425 -41.23 11.87 26.68
CA GLU B 425 -42.11 12.75 27.45
C GLU B 425 -41.36 13.71 28.36
N ASN B 426 -41.67 14.99 28.25
CA ASN B 426 -41.16 15.99 29.20
C ASN B 426 -39.65 16.05 29.26
N SER B 427 -39.01 15.88 28.11
CA SER B 427 -37.56 15.98 28.00
C SER B 427 -37.22 16.37 26.58
N ASP B 428 -36.02 16.89 26.39
CA ASP B 428 -35.59 17.32 25.07
C ASP B 428 -34.86 16.19 24.35
N PHE B 429 -34.64 15.09 25.08
CA PHE B 429 -34.00 13.91 24.53
C PHE B 429 -34.78 13.40 23.34
N ASP B 430 -34.08 13.14 22.25
CA ASP B 430 -34.68 12.47 21.10
C ASP B 430 -33.69 11.47 20.53
N PHE B 431 -34.22 10.49 19.82
CA PHE B 431 -33.39 9.53 19.12
C PHE B 431 -32.96 10.10 17.78
N THR B 432 -32.10 9.36 17.07
CA THR B 432 -31.65 9.76 15.74
C THR B 432 -32.35 8.93 14.66
N TYR B 433 -32.53 9.51 13.49
CA TYR B 433 -33.38 8.92 12.46
C TYR B 433 -32.79 9.14 11.06
N THR B 434 -32.59 8.05 10.34
CA THR B 434 -31.81 8.03 9.10
C THR B 434 -30.55 8.90 9.21
N GLN B 435 -29.86 8.72 10.35
CA GLN B 435 -28.74 9.55 10.74
C GLN B 435 -27.46 9.22 9.98
N ASN B 436 -26.43 10.02 10.23
CA ASN B 436 -25.09 9.86 9.67
C ASN B 436 -24.01 10.10 10.72
N THR B 437 -22.78 9.79 10.34
CA THR B 437 -21.56 10.01 11.13
C THR B 437 -21.71 10.02 12.65
N ALA B 438 -22.03 8.84 13.17
CA ALA B 438 -21.95 8.53 14.60
C ALA B 438 -20.49 8.24 14.97
N TRP B 439 -19.76 9.28 15.35
CA TRP B 439 -18.35 9.16 15.67
C TRP B 439 -18.12 9.41 17.15
N ILE B 440 -16.89 9.21 17.60
CA ILE B 440 -16.50 9.42 18.99
C ILE B 440 -15.77 10.73 19.12
N SER B 441 -16.31 11.67 19.88
CA SER B 441 -15.70 12.98 19.95
C SER B 441 -14.39 12.94 20.72
N SER B 442 -13.64 14.02 20.63
CA SER B 442 -12.40 14.14 21.38
C SER B 442 -12.67 14.06 22.89
N LYS B 443 -13.89 14.41 23.28
CA LYS B 443 -14.30 14.36 24.69
C LYS B 443 -14.58 12.93 25.09
N GLY B 444 -14.79 12.08 24.09
CA GLY B 444 -15.09 10.70 24.34
C GLY B 444 -16.54 10.41 24.07
N THR B 445 -17.33 11.46 23.83
CA THR B 445 -18.77 11.33 23.65
C THR B 445 -19.15 10.95 22.22
N LEU B 446 -20.43 10.74 21.98
CA LEU B 446 -20.92 10.28 20.68
C LEU B 446 -21.67 11.34 19.92
N THR B 447 -21.10 11.79 18.80
CA THR B 447 -21.73 12.83 18.00
C THR B 447 -22.37 12.25 16.76
N ILE B 448 -23.57 12.73 16.45
CA ILE B 448 -24.37 12.16 15.38
C ILE B 448 -25.02 13.25 14.56
N PHE B 449 -25.23 12.98 13.28
CA PHE B 449 -25.99 13.88 12.45
C PHE B 449 -27.36 13.27 12.23
N ASP B 450 -28.30 13.67 13.07
CA ASP B 450 -29.66 13.16 13.02
C ASP B 450 -30.43 13.80 11.85
N ASN B 451 -30.27 13.23 10.66
CA ASN B 451 -30.89 13.77 9.44
C ASN B 451 -32.35 14.07 9.60
N GLY B 452 -33.07 13.15 10.25
CA GLY B 452 -34.44 13.39 10.65
C GLY B 452 -35.55 12.85 9.78
N ASP B 453 -35.22 12.09 8.75
CA ASP B 453 -36.28 11.48 7.95
C ASP B 453 -36.87 10.29 8.71
N GLY B 454 -38.17 10.09 8.60
CA GLY B 454 -38.85 9.01 9.31
C GLY B 454 -38.79 9.14 10.81
N ARG B 455 -38.61 10.37 11.27
CA ARG B 455 -38.54 10.68 12.69
C ARG B 455 -39.76 10.17 13.47
N HIS B 456 -39.46 9.46 14.57
CA HIS B 456 -40.47 8.81 15.42
C HIS B 456 -41.29 7.84 14.60
N LEU B 457 -40.60 7.26 13.61
CA LEU B 457 -41.04 6.13 12.80
C LEU B 457 -42.34 6.38 12.06
N GLU B 458 -42.47 7.58 11.51
CA GLU B 458 -43.59 7.92 10.66
C GLU B 458 -43.24 9.12 9.80
N GLN B 459 -43.98 9.31 8.73
CA GLN B 459 -43.89 10.57 8.00
C GLN B 459 -44.90 11.53 8.61
N PRO B 460 -44.53 12.83 8.70
CA PRO B 460 -45.38 13.84 9.33
C PRO B 460 -46.54 14.25 8.44
N ALA B 461 -47.45 15.05 8.98
CA ALA B 461 -48.63 15.51 8.25
C ALA B 461 -48.22 16.25 6.99
N LEU B 462 -47.30 17.18 7.16
CA LEU B 462 -46.81 17.98 6.07
C LEU B 462 -45.34 17.71 5.82
N PRO B 463 -44.94 17.73 4.54
CA PRO B 463 -43.57 17.47 4.09
C PRO B 463 -42.55 18.38 4.75
N THR B 464 -42.87 19.66 4.84
CA THR B 464 -41.95 20.63 5.39
C THR B 464 -41.79 20.44 6.89
N MET B 465 -42.59 19.53 7.45
CA MET B 465 -42.56 19.27 8.89
C MET B 465 -41.40 18.36 9.24
N LYS B 466 -40.18 18.78 8.90
CA LYS B 466 -38.98 18.00 9.12
C LYS B 466 -37.82 18.88 9.57
N TYR B 467 -36.88 18.29 10.28
CA TYR B 467 -35.71 19.02 10.75
C TYR B 467 -34.55 18.09 11.08
N SER B 468 -33.35 18.63 11.01
CA SER B 468 -32.12 17.88 11.28
C SER B 468 -31.49 18.42 12.55
N ARG B 469 -30.82 17.56 13.31
CA ARG B 469 -30.11 18.01 14.49
C ARG B 469 -28.61 17.69 14.43
N PHE B 470 -27.77 18.60 14.95
CA PHE B 470 -26.47 18.21 15.48
C PHE B 470 -26.78 17.68 16.88
N VAL B 471 -26.20 16.57 17.29
CA VAL B 471 -26.50 16.04 18.63
C VAL B 471 -25.37 15.20 19.24
N GLU B 472 -25.22 15.28 20.56
CA GLU B 472 -24.14 14.61 21.27
C GLU B 472 -24.66 13.85 22.47
N TYR B 473 -24.22 12.61 22.61
CA TYR B 473 -24.69 11.72 23.68
C TYR B 473 -23.56 11.29 24.58
N LYS B 474 -23.89 11.11 25.85
CA LYS B 474 -22.97 10.51 26.79
C LYS B 474 -23.56 9.16 27.15
N ILE B 475 -22.74 8.10 27.07
CA ILE B 475 -23.22 6.76 27.36
C ILE B 475 -22.50 6.16 28.56
N ASP B 476 -23.26 5.48 29.41
CA ASP B 476 -22.69 4.65 30.45
C ASP B 476 -22.91 3.22 30.03
N GLU B 477 -21.84 2.56 29.63
CA GLU B 477 -21.94 1.21 29.10
C GLU B 477 -22.19 0.20 30.20
N LYS B 478 -21.50 0.39 31.32
CA LYS B 478 -21.70 -0.46 32.49
C LYS B 478 -23.17 -0.50 32.90
N LYS B 479 -23.86 0.63 32.75
CA LYS B 479 -25.23 0.76 33.21
C LYS B 479 -26.26 0.71 32.08
N GLY B 480 -25.79 0.89 30.85
CA GLY B 480 -26.66 0.75 29.68
C GLY B 480 -27.56 1.95 29.45
N THR B 481 -27.08 3.11 29.88
CA THR B 481 -27.86 4.32 29.85
C THR B 481 -27.23 5.36 28.95
N VAL B 482 -28.06 6.09 28.21
CA VAL B 482 -27.57 7.12 27.33
C VAL B 482 -28.16 8.46 27.70
N GLN B 483 -27.32 9.48 27.71
CA GLN B 483 -27.77 10.82 28.00
C GLN B 483 -27.51 11.77 26.84
N GLN B 484 -28.57 12.36 26.30
CA GLN B 484 -28.38 13.39 25.28
C GLN B 484 -27.81 14.62 25.93
N VAL B 485 -26.68 15.12 25.43
CA VAL B 485 -25.96 16.16 26.15
C VAL B 485 -25.72 17.47 25.40
N TRP B 486 -26.29 17.60 24.20
CA TRP B 486 -26.02 18.76 23.36
C TRP B 486 -26.74 18.55 22.05
N GLU B 487 -27.35 19.59 21.52
CA GLU B 487 -28.07 19.48 20.25
C GLU B 487 -28.19 20.84 19.58
N TYR B 488 -28.61 20.85 18.33
CA TYR B 488 -28.70 22.07 17.56
C TYR B 488 -29.37 21.75 16.24
N GLY B 489 -30.14 22.68 15.70
CA GLY B 489 -30.71 22.55 14.36
C GLY B 489 -32.19 22.20 14.37
N LYS B 490 -32.68 21.87 15.55
CA LYS B 490 -34.07 21.56 15.79
C LYS B 490 -35.00 22.74 15.48
N GLU B 491 -34.53 23.96 15.74
CA GLU B 491 -35.34 25.15 15.56
C GLU B 491 -35.28 25.72 14.15
N ARG B 492 -34.36 25.22 13.35
CA ARG B 492 -34.07 25.90 12.09
C ARG B 492 -34.94 25.38 10.96
N GLY B 493 -35.73 24.37 11.26
CA GLY B 493 -36.77 23.91 10.36
C GLY B 493 -36.28 23.19 9.14
N TYR B 494 -37.12 23.21 8.10
CA TYR B 494 -36.87 22.51 6.85
C TYR B 494 -35.75 23.17 6.06
N ASP B 495 -35.43 24.41 6.43
CA ASP B 495 -34.35 25.13 5.79
C ASP B 495 -32.99 24.69 6.34
N PHE B 496 -33.02 23.80 7.33
CA PHE B 496 -31.79 23.27 7.90
C PHE B 496 -31.86 21.77 7.88
N TYR B 497 -32.73 21.25 7.02
CA TYR B 497 -33.02 19.83 6.99
C TYR B 497 -32.31 19.17 5.83
N SER B 498 -31.49 18.18 6.15
CA SER B 498 -30.81 17.34 5.17
C SER B 498 -31.31 15.90 5.30
N PRO B 499 -32.11 15.46 4.33
CA PRO B 499 -32.70 14.12 4.41
C PRO B 499 -31.64 13.02 4.32
N ILE B 500 -30.54 13.30 3.62
CA ILE B 500 -29.47 12.34 3.40
C ILE B 500 -28.07 12.91 3.69
N THR B 501 -27.08 12.02 3.65
CA THR B 501 -25.67 12.32 3.85
C THR B 501 -25.44 13.18 5.08
N SER B 502 -24.42 14.05 5.02
CA SER B 502 -24.14 15.06 6.05
C SER B 502 -23.17 14.56 7.13
N ILE B 503 -22.75 15.45 8.02
CA ILE B 503 -21.72 15.14 9.00
C ILE B 503 -21.59 16.15 10.14
N ILE B 504 -21.25 15.68 11.33
CA ILE B 504 -20.72 16.56 12.35
C ILE B 504 -19.51 15.98 13.07
N GLU B 505 -18.65 16.87 13.59
CA GLU B 505 -17.44 16.52 14.30
C GLU B 505 -17.11 17.63 15.31
N TYR B 506 -16.93 17.27 16.58
CA TYR B 506 -16.55 18.28 17.57
C TYR B 506 -15.10 18.74 17.44
N GLN B 507 -14.92 20.06 17.48
CA GLN B 507 -13.61 20.70 17.38
C GLN B 507 -13.16 21.26 18.71
N ALA B 508 -12.27 20.55 19.39
CA ALA B 508 -11.88 20.92 20.74
C ALA B 508 -11.09 22.22 20.79
N ASP B 509 -10.49 22.60 19.67
CA ASP B 509 -9.50 23.65 19.66
C ASP B 509 -10.11 25.05 19.78
N ARG B 510 -11.36 25.18 19.36
CA ARG B 510 -12.06 26.47 19.47
C ARG B 510 -13.44 26.23 20.00
N ASN B 511 -13.61 25.01 20.52
CA ASN B 511 -14.82 24.56 21.19
C ASN B 511 -16.07 24.81 20.39
N THR B 512 -16.01 24.41 19.14
CA THR B 512 -17.16 24.49 18.24
C THR B 512 -17.67 23.09 17.94
N MET B 513 -18.84 23.03 17.34
CA MET B 513 -19.33 21.81 16.74
C MET B 513 -19.29 22.07 15.25
N PHE B 514 -18.51 21.30 14.51
CA PHE B 514 -18.46 21.50 13.07
C PHE B 514 -19.59 20.71 12.46
N GLY B 515 -20.19 21.25 11.42
CA GLY B 515 -21.27 20.56 10.74
C GLY B 515 -21.29 20.87 9.26
N PHE B 516 -21.86 19.95 8.49
CA PHE B 516 -22.11 20.13 7.07
C PHE B 516 -23.46 19.48 6.76
N GLY B 517 -24.31 20.22 6.06
CA GLY B 517 -25.58 19.68 5.64
C GLY B 517 -25.52 19.50 4.15
N GLY B 518 -25.50 18.25 3.70
CA GLY B 518 -25.19 17.95 2.32
C GLY B 518 -26.34 18.05 1.36
N SER B 519 -27.56 18.06 1.89
CA SER B 519 -28.77 17.93 1.07
C SER B 519 -29.93 18.82 1.46
N ILE B 520 -29.67 20.07 1.83
CA ILE B 520 -30.71 21.05 2.09
C ILE B 520 -31.40 21.50 0.79
N HIS B 521 -32.73 21.49 0.77
CA HIS B 521 -33.51 21.83 -0.44
C HIS B 521 -33.29 20.91 -1.60
N LEU B 522 -32.90 19.68 -1.29
CA LEU B 522 -32.72 18.66 -2.30
C LEU B 522 -33.93 18.52 -3.21
N PHE B 523 -35.11 18.59 -2.60
CA PHE B 523 -36.34 18.30 -3.34
C PHE B 523 -36.93 19.55 -3.96
N ASP B 524 -36.30 20.69 -3.72
CA ASP B 524 -36.73 21.92 -4.35
C ASP B 524 -36.47 21.84 -5.85
N VAL B 525 -37.45 21.32 -6.59
CA VAL B 525 -37.27 21.01 -8.01
C VAL B 525 -36.85 22.20 -8.85
N GLY B 526 -35.72 22.05 -9.52
CA GLY B 526 -35.19 23.09 -10.38
C GLY B 526 -34.16 23.89 -9.63
N GLN B 527 -33.97 23.56 -8.37
CA GLN B 527 -33.10 24.38 -7.54
C GLN B 527 -31.81 23.66 -7.16
N PRO B 528 -30.70 24.40 -7.16
CA PRO B 528 -29.43 23.93 -6.59
C PRO B 528 -29.61 23.41 -5.18
N THR B 529 -28.88 22.34 -4.86
CA THR B 529 -28.90 21.75 -3.53
C THR B 529 -27.86 22.47 -2.68
N VAL B 530 -28.20 22.69 -1.42
CA VAL B 530 -27.38 23.51 -0.54
C VAL B 530 -26.57 22.64 0.39
N GLY B 531 -25.24 22.86 0.40
CA GLY B 531 -24.36 22.21 1.34
C GLY B 531 -23.91 23.25 2.33
N LYS B 532 -24.21 23.07 3.61
CA LYS B 532 -24.04 24.17 4.56
C LYS B 532 -22.92 23.92 5.52
N LEU B 533 -21.84 24.69 5.42
CA LEU B 533 -20.74 24.57 6.37
C LEU B 533 -21.03 25.37 7.63
N ASN B 534 -20.99 24.72 8.79
CA ASN B 534 -21.35 25.40 10.03
C ASN B 534 -20.39 25.15 11.18
N GLU B 535 -19.97 26.19 11.87
CA GLU B 535 -19.33 26.05 13.17
C GLU B 535 -20.19 26.73 14.23
N ILE B 536 -20.67 25.92 15.16
CA ILE B 536 -21.53 26.38 16.24
C ILE B 536 -20.69 26.47 17.48
N ASP B 537 -20.74 27.59 18.18
CA ASP B 537 -20.01 27.65 19.43
C ASP B 537 -20.67 26.67 20.35
N TYR B 538 -19.87 25.88 21.04
CA TYR B 538 -20.37 24.76 21.82
C TYR B 538 -21.07 25.23 23.10
N LYS B 539 -20.48 26.24 23.74
CA LYS B 539 -21.02 26.77 24.98
C LYS B 539 -22.25 27.65 24.77
N THR B 540 -22.21 28.47 23.73
CA THR B 540 -23.20 29.54 23.52
C THR B 540 -24.16 29.27 22.37
N LYS B 541 -23.88 28.22 21.61
CA LYS B 541 -24.67 27.87 20.44
C LYS B 541 -24.75 28.99 19.42
N GLU B 542 -23.77 29.88 19.45
CA GLU B 542 -23.67 30.95 18.46
C GLU B 542 -23.02 30.52 17.17
N VAL B 543 -23.54 30.99 16.04
CA VAL B 543 -22.97 30.66 14.75
C VAL B 543 -21.62 31.35 14.49
N LYS B 544 -20.54 30.60 14.57
CA LYS B 544 -19.21 31.18 14.37
C LYS B 544 -18.87 31.24 12.88
N VAL B 545 -19.29 30.21 12.16
CA VAL B 545 -19.11 30.14 10.71
C VAL B 545 -20.36 29.63 10.03
N GLU B 546 -20.67 30.13 8.85
CA GLU B 546 -21.71 29.52 8.07
C GLU B 546 -21.52 29.84 6.61
N ILE B 547 -21.24 28.83 5.81
CA ILE B 547 -21.00 29.04 4.39
C ILE B 547 -21.81 28.06 3.56
N ASP B 548 -22.41 28.56 2.49
CA ASP B 548 -23.26 27.70 1.67
C ASP B 548 -22.58 27.28 0.38
N VAL B 549 -22.70 26.01 0.02
CA VAL B 549 -22.21 25.55 -1.27
C VAL B 549 -23.38 25.13 -2.12
N LEU B 550 -23.45 25.63 -3.34
CA LEU B 550 -24.60 25.35 -4.17
C LEU B 550 -24.21 24.42 -5.28
N SER B 551 -25.01 23.39 -5.52
CA SER B 551 -24.66 22.40 -6.52
C SER B 551 -24.68 23.00 -7.92
N ASP B 552 -23.89 22.43 -8.83
CA ASP B 552 -23.74 22.98 -10.16
C ASP B 552 -24.83 22.50 -11.11
N LYS B 553 -25.62 21.54 -10.63
CA LYS B 553 -26.82 21.12 -11.32
C LYS B 553 -27.94 21.09 -10.28
N PRO B 554 -29.20 21.26 -10.72
CA PRO B 554 -30.32 21.16 -9.79
C PRO B 554 -30.40 19.78 -9.14
N ASN B 555 -30.76 19.75 -7.86
CA ASN B 555 -31.19 18.49 -7.26
C ASN B 555 -30.09 17.41 -7.26
N GLN B 556 -28.95 17.80 -6.71
CA GLN B 556 -27.70 17.06 -6.76
C GLN B 556 -27.01 17.14 -5.40
N THR B 557 -27.22 16.12 -4.56
CA THR B 557 -26.72 16.17 -3.19
C THR B 557 -25.18 16.32 -3.08
N HIS B 558 -24.73 16.87 -1.96
CA HIS B 558 -23.32 16.85 -1.61
C HIS B 558 -23.20 15.70 -0.64
N TYR B 559 -22.00 15.29 -0.26
CA TYR B 559 -21.93 14.20 0.69
C TYR B 559 -21.41 14.67 2.06
N ARG B 560 -20.16 15.10 2.14
CA ARG B 560 -19.57 15.52 3.41
C ARG B 560 -18.60 16.66 3.19
N ALA B 561 -18.11 17.25 4.28
CA ALA B 561 -17.01 18.18 4.24
C ALA B 561 -16.10 17.91 5.43
N LEU B 562 -14.85 18.36 5.35
CA LEU B 562 -13.90 18.20 6.43
C LEU B 562 -13.28 19.51 6.76
N LEU B 563 -13.02 19.73 8.04
CA LEU B 563 -12.24 20.89 8.47
C LEU B 563 -10.78 20.52 8.51
N VAL B 564 -10.06 21.01 7.53
CA VAL B 564 -8.70 20.60 7.29
C VAL B 564 -7.71 21.60 7.88
N ARG B 565 -6.57 21.10 8.36
CA ARG B 565 -5.56 21.93 8.99
C ARG B 565 -4.21 21.74 8.29
N PRO B 566 -3.72 22.81 7.64
CA PRO B 566 -2.45 22.85 6.92
C PRO B 566 -1.25 22.58 7.80
N GLN B 567 -1.43 22.83 9.11
CA GLN B 567 -0.39 22.60 10.10
C GLN B 567 -0.13 21.10 10.27
N GLN B 568 -1.02 20.29 9.71
CA GLN B 568 -0.95 18.85 9.84
C GLN B 568 -0.72 18.15 8.51
N MET B 569 -0.82 18.89 7.42
CA MET B 569 -0.79 18.28 6.10
C MET B 569 0.58 17.72 5.69
N PHE B 570 1.66 18.32 6.16
CA PHE B 570 2.97 17.86 5.71
C PHE B 570 3.85 17.62 6.92
N LYS B 571 3.76 16.39 7.46
CA LYS B 571 4.44 16.03 8.69
C LYS B 571 5.93 15.77 8.48
S SO4 C . -8.92 -21.26 12.41
O1 SO4 C . -8.61 -22.62 12.87
O2 SO4 C . -7.75 -20.43 12.73
O3 SO4 C . -9.19 -21.23 10.97
O4 SO4 C . -10.10 -20.76 13.10
O16 MUX D . 25.14 -9.44 -7.90
O15 MUX D . 26.32 -7.78 -6.63
O14 MUX D . 24.31 -7.23 -7.98
C17 MUX D . 26.78 -7.96 -11.46
C11 MUX D . 25.87 -8.01 -10.39
C10 MUX D . 24.52 -8.36 -10.60
C01 MUX D . 23.05 -9.10 -14.65
C02 MUX D . 24.52 -8.87 -14.39
C03 MUX D . 25.49 -8.95 -15.46
C04 MUX D . 26.93 -8.72 -15.18
O05 MUX D . 27.80 -9.01 -15.99
O06 MUX D . 27.29 -8.17 -13.90
C07 MUX D . 26.33 -8.23 -12.77
C08 MUX D . 24.97 -8.58 -12.98
C09 MUX D . 24.06 -8.64 -11.90
O12 MUX D . 26.38 -7.73 -9.10
S13 MUX D . 25.55 -8.06 -7.90
H17 MUX D . 27.71 -7.72 -11.30
H10 MUX D . 23.90 -8.40 -9.85
H012 MUX D . 22.73 -9.83 -14.09
H013 MUX D . 22.55 -8.28 -14.42
H011 MUX D . 22.92 -9.32 -15.59
H03 MUX D . 25.20 -9.14 -16.38
H09 MUX D . 23.13 -8.87 -12.05
S SO4 E . 21.50 19.05 -22.09
O1 SO4 E . 22.21 17.78 -21.88
O2 SO4 E . 22.39 20.12 -21.69
O3 SO4 E . 21.20 19.18 -23.52
O4 SO4 E . 20.29 19.13 -21.26
S SO4 F . -28.48 -17.01 -14.61
O1 SO4 F . -29.30 -17.86 -13.74
O2 SO4 F . -27.22 -16.66 -13.93
O3 SO4 F . -28.13 -17.68 -15.86
O4 SO4 F . -29.28 -15.85 -14.99
O16 MUX G . -25.42 9.52 3.24
O15 MUX G . -26.24 7.64 4.48
O14 MUX G . -27.84 9.09 3.38
C17 MUX G . -28.20 8.27 0.46
C11 MUX G . -26.86 8.24 0.83
C10 MUX G . -25.87 8.75 -0.05
C01 MUX G . -26.89 10.33 -3.92
C02 MUX G . -27.98 9.94 -2.95
C03 MUX G . -29.39 10.12 -3.25
C04 MUX G . -30.41 9.69 -2.24
O05 MUX G . -31.57 10.02 -2.33
O06 MUX G . -30.01 8.85 -1.15
C07 MUX G . -28.57 8.81 -0.77
C08 MUX G . -27.58 9.33 -1.65
C09 MUX G . -26.23 9.31 -1.28
O12 MUX G . -26.49 7.66 2.04
S13 MUX G . -26.53 8.50 3.28
H17 MUX G . -28.88 7.90 1.06
H10 MUX G . -24.92 8.72 0.20
H012 MUX G . -26.28 10.97 -3.49
H013 MUX G . -26.37 9.53 -4.19
H011 MUX G . -27.29 10.74 -4.72
H03 MUX G . -29.67 10.51 -4.10
H09 MUX G . -25.54 9.67 -1.89
#